data_6GB6
#
_entry.id   6GB6
#
_cell.length_a   66.630
_cell.length_b   82.240
_cell.length_c   89.550
_cell.angle_alpha   90.00
_cell.angle_beta   111.29
_cell.angle_gamma   90.00
#
_symmetry.space_group_name_H-M   'P 1 21 1'
#
loop_
_entity.id
_entity.type
_entity.pdbx_description
1 polymer 'H-2 class I histocompatibility antigen, K-B alpha chain'
2 polymer Beta-2-microglobulin
3 non-polymer GLYCEROL
4 non-polymer GLYCINE
5 non-polymer LEUCINE
6 water water
#
loop_
_entity_poly.entity_id
_entity_poly.type
_entity_poly.pdbx_seq_one_letter_code
_entity_poly.pdbx_strand_id
1 'polypeptide(L)'
;GPHSLRYFVTAVSRPGLGEPRYMEVGYVDDTEFVRFDSDAENPRYEPRARWMEQEGPEYWERETQKAKGNEQSFRVDLRT
LLGYYNQSKGGSHTIQVISGCEVGSDGRLLRGYQQYAYDGCDYIALNEDLKTWTAADMAALITKHKWEQAGEAERLRAYL
EGTCVEWLRRYLKNGNATLLRTDSPKAHVTHHSRPEDKVTLRCWALGFYPADITLTWQLNGEELIQDMELVETRPAGDGT
FQKWASVVVPLGKEQYYTCHVYHQGLPEPLTLRWEP
;
A,D
2 'polypeptide(L)'
;GIQKTPQIQVYSRHPPENGKPNILNCYVTQFHPPHIEIQMLKNGKKIPKVEMSDMSFSKDWSFYILAHTEFTPTETDTYA
CRVKHDSMAEPKTVYWDRDM
;
E,B
#
# COMPACT_ATOMS: atom_id res chain seq x y z
N GLY A 1 -0.79 -20.42 -1.50
CA GLY A 1 0.63 -20.86 -1.71
C GLY A 1 1.21 -21.56 -0.49
N PRO A 2 2.50 -21.95 -0.56
CA PRO A 2 3.12 -22.65 0.57
C PRO A 2 3.37 -21.74 1.79
N HIS A 3 3.60 -22.37 2.93
CA HIS A 3 3.99 -21.66 4.13
C HIS A 3 5.13 -22.42 4.81
N SER A 4 5.88 -21.72 5.67
CA SER A 4 7.03 -22.33 6.37
C SER A 4 7.08 -21.93 7.84
N LEU A 5 7.50 -22.86 8.68
CA LEU A 5 7.86 -22.56 10.05
C LEU A 5 9.27 -23.10 10.19
N ARG A 6 10.24 -22.22 10.47
CA ARG A 6 11.65 -22.63 10.63
C ARG A 6 12.27 -21.96 11.86
N TYR A 7 13.13 -22.69 12.54
CA TYR A 7 13.94 -22.18 13.65
C TYR A 7 15.42 -22.23 13.28
N PHE A 8 16.10 -21.11 13.53
CA PHE A 8 17.53 -20.97 13.24
C PHE A 8 18.22 -20.84 14.60
N VAL A 9 19.16 -21.73 14.88
CA VAL A 9 19.76 -21.81 16.21
C VAL A 9 21.27 -21.60 16.08
N THR A 10 21.85 -20.81 16.99
CA THR A 10 23.30 -20.57 17.04
C THR A 10 23.80 -20.79 18.46
N ALA A 11 24.92 -21.51 18.60
CA ALA A 11 25.60 -21.67 19.87
C ALA A 11 27.09 -21.38 19.65
N VAL A 12 27.62 -20.39 20.36
CA VAL A 12 29.00 -19.96 20.18
C VAL A 12 29.75 -20.03 21.49
N SER A 13 30.81 -20.84 21.56
CA SER A 13 31.62 -20.90 22.78
C SER A 13 32.53 -19.67 22.85
N ARG A 14 32.90 -19.30 24.06
CA ARG A 14 33.82 -18.17 24.29
C ARG A 14 34.67 -18.48 25.51
N PRO A 15 35.56 -19.49 25.39
CA PRO A 15 36.35 -19.97 26.52
C PRO A 15 37.09 -18.84 27.23
N GLY A 16 37.05 -18.90 28.56
CA GLY A 16 37.61 -17.85 29.40
C GLY A 16 36.75 -16.61 29.56
N LEU A 17 35.85 -16.33 28.61
CA LEU A 17 35.03 -15.10 28.62
C LEU A 17 33.61 -15.28 29.17
N GLY A 18 33.23 -16.50 29.51
CA GLY A 18 31.90 -16.77 30.05
C GLY A 18 31.26 -17.96 29.37
N GLU A 19 29.95 -18.07 29.57
CA GLU A 19 29.20 -19.19 29.03
C GLU A 19 28.99 -19.01 27.53
N PRO A 20 28.79 -20.12 26.80
CA PRO A 20 28.49 -19.94 25.37
C PRO A 20 27.27 -19.04 25.13
N ARG A 21 27.29 -18.27 24.03
N ARG A 21 27.26 -18.31 24.03
CA ARG A 21 26.12 -17.50 23.62
CA ARG A 21 26.10 -17.52 23.65
C ARG A 21 25.22 -18.44 22.84
C ARG A 21 25.20 -18.37 22.79
N TYR A 22 23.91 -18.37 23.12
CA TYR A 22 22.93 -19.23 22.49
C TYR A 22 21.77 -18.35 22.05
N MET A 23 21.32 -18.58 20.80
CA MET A 23 20.23 -17.85 20.19
CA MET A 23 20.15 -17.89 20.30
C MET A 23 19.31 -18.82 19.45
N GLU A 24 17.99 -18.64 19.59
CA GLU A 24 17.02 -19.33 18.76
C GLU A 24 16.18 -18.24 18.13
N VAL A 25 15.95 -18.35 16.84
CA VAL A 25 15.07 -17.41 16.13
C VAL A 25 14.03 -18.22 15.35
N GLY A 26 12.76 -17.86 15.51
CA GLY A 26 11.69 -18.54 14.78
C GLY A 26 11.23 -17.68 13.63
N TYR A 27 11.01 -18.28 12.47
CA TYR A 27 10.48 -17.60 11.29
C TYR A 27 9.21 -18.28 10.78
N VAL A 28 8.16 -17.50 10.54
CA VAL A 28 7.03 -17.95 9.73
C VAL A 28 7.12 -17.26 8.37
N ASP A 29 7.21 -18.04 7.29
CA ASP A 29 7.34 -17.51 5.92
C ASP A 29 8.51 -16.56 5.78
N ASP A 30 9.67 -17.01 6.25
CA ASP A 30 10.90 -16.22 6.24
C ASP A 30 10.83 -14.86 6.96
N THR A 31 9.91 -14.73 7.92
CA THR A 31 9.74 -13.52 8.72
C THR A 31 9.83 -13.87 10.20
N GLU A 32 10.73 -13.18 10.89
CA GLU A 32 11.01 -13.45 12.29
C GLU A 32 9.76 -13.21 13.17
N PHE A 33 9.37 -14.21 13.96
CA PHE A 33 8.20 -14.09 14.84
C PHE A 33 8.46 -14.37 16.33
N VAL A 34 9.50 -15.11 16.66
CA VAL A 34 9.95 -15.30 18.05
C VAL A 34 11.49 -15.35 18.14
N ARG A 35 12.03 -14.98 19.28
CA ARG A 35 13.49 -15.03 19.49
C ARG A 35 13.78 -15.33 20.94
N PHE A 36 14.79 -16.19 21.18
CA PHE A 36 15.33 -16.43 22.50
C PHE A 36 16.81 -16.08 22.45
N ASP A 37 17.26 -15.18 23.33
CA ASP A 37 18.66 -14.78 23.40
C ASP A 37 19.15 -15.15 24.80
N SER A 38 20.19 -15.99 24.89
CA SER A 38 20.72 -16.41 26.19
C SER A 38 21.44 -15.29 26.93
N ASP A 39 21.78 -14.22 26.24
CA ASP A 39 22.65 -13.18 26.81
C ASP A 39 21.85 -12.20 27.68
N ALA A 40 21.35 -12.72 28.81
CA ALA A 40 20.56 -11.95 29.77
C ALA A 40 20.51 -12.68 31.11
N GLU A 41 20.17 -11.94 32.17
CA GLU A 41 20.08 -12.52 33.52
C GLU A 41 18.90 -13.48 33.68
N ASN A 42 17.78 -13.14 33.04
CA ASN A 42 16.58 -13.95 33.05
C ASN A 42 16.07 -14.06 31.61
N PRO A 43 16.71 -14.93 30.81
CA PRO A 43 16.38 -14.96 29.38
C PRO A 43 15.01 -15.59 29.13
N ARG A 44 14.25 -14.97 28.24
CA ARG A 44 12.87 -15.32 27.96
C ARG A 44 12.68 -15.41 26.47
N TYR A 45 11.90 -16.38 26.01
CA TYR A 45 11.41 -16.34 24.62
C TYR A 45 10.52 -15.11 24.44
N GLU A 46 10.79 -14.33 23.40
CA GLU A 46 10.09 -13.08 23.13
C GLU A 46 9.37 -13.12 21.79
N PRO A 47 8.15 -12.52 21.72
CA PRO A 47 7.52 -12.34 20.42
C PRO A 47 8.22 -11.25 19.62
N ARG A 48 8.25 -11.43 18.31
CA ARG A 48 8.93 -10.52 17.38
C ARG A 48 8.03 -9.99 16.26
N ALA A 49 6.81 -10.52 16.16
CA ALA A 49 5.80 -10.06 15.21
C ALA A 49 4.61 -9.53 16.01
N ARG A 50 3.77 -8.73 15.33
CA ARG A 50 2.61 -8.09 15.95
C ARG A 50 1.47 -9.03 16.38
N TRP A 51 1.49 -10.27 15.90
CA TRP A 51 0.39 -11.23 16.14
C TRP A 51 0.66 -12.22 17.26
N MET A 52 1.90 -12.27 17.77
CA MET A 52 2.29 -13.31 18.71
C MET A 52 1.91 -13.04 20.18
N GLU A 53 1.57 -11.80 20.52
CA GLU A 53 1.15 -11.43 21.90
C GLU A 53 -0.20 -12.06 22.26
N GLN A 54 -0.96 -12.49 21.24
CA GLN A 54 -2.17 -13.30 21.42
C GLN A 54 -1.96 -14.52 22.33
N GLU A 55 -0.80 -15.16 22.20
CA GLU A 55 -0.45 -16.33 23.01
C GLU A 55 -0.39 -15.95 24.49
N GLY A 56 -0.83 -16.86 25.36
CA GLY A 56 -0.87 -16.59 26.79
C GLY A 56 0.49 -16.73 27.45
N PRO A 57 0.60 -16.40 28.75
CA PRO A 57 1.83 -16.64 29.51
C PRO A 57 2.22 -18.12 29.65
N GLU A 58 1.25 -19.02 29.49
CA GLU A 58 1.51 -20.46 29.41
C GLU A 58 2.44 -20.81 28.25
N TYR A 59 2.18 -20.22 27.08
CA TYR A 59 3.00 -20.44 25.88
C TYR A 59 4.47 -20.01 26.10
N TRP A 60 4.66 -18.82 26.69
CA TRP A 60 5.99 -18.24 26.85
C TRP A 60 6.86 -18.93 27.90
N GLU A 61 6.23 -19.41 28.97
CA GLU A 61 6.95 -20.17 29.99
C GLU A 61 7.43 -21.52 29.45
N ARG A 62 6.58 -22.19 28.68
CA ARG A 62 6.94 -23.51 28.12
C ARG A 62 8.07 -23.38 27.09
N GLU A 63 7.96 -22.40 26.21
CA GLU A 63 8.94 -22.20 25.17
C GLU A 63 10.28 -21.71 25.75
N THR A 64 10.24 -20.80 26.72
CA THR A 64 11.43 -20.38 27.46
C THR A 64 12.15 -21.57 28.10
N GLN A 65 11.41 -22.41 28.83
CA GLN A 65 12.00 -23.58 29.47
C GLN A 65 12.55 -24.58 28.47
N LYS A 66 11.88 -24.70 27.32
CA LYS A 66 12.37 -25.53 26.22
C LYS A 66 13.72 -25.00 25.67
N ALA A 67 13.78 -23.70 25.43
CA ALA A 67 14.98 -23.05 24.87
C ALA A 67 16.17 -23.13 25.85
N LYS A 68 15.91 -22.94 27.15
CA LYS A 68 16.94 -23.09 28.19
C LYS A 68 17.52 -24.49 28.27
N GLY A 69 16.66 -25.50 28.07
CA GLY A 69 17.09 -26.88 27.96
C GLY A 69 17.94 -27.13 26.72
N ASN A 70 17.49 -26.59 25.60
CA ASN A 70 18.28 -26.69 24.35
C ASN A 70 19.66 -26.03 24.55
N GLU A 71 19.67 -24.85 25.13
CA GLU A 71 20.91 -24.13 25.41
C GLU A 71 21.93 -25.00 26.13
N GLN A 72 21.48 -25.66 27.20
CA GLN A 72 22.36 -26.50 27.98
C GLN A 72 22.82 -27.76 27.23
N SER A 73 21.98 -28.30 26.34
CA SER A 73 22.38 -29.40 25.46
C SER A 73 23.45 -28.98 24.45
N PHE A 74 23.31 -27.81 23.85
CA PHE A 74 24.34 -27.29 22.94
C PHE A 74 25.65 -26.92 23.67
N ARG A 75 25.56 -26.53 24.94
CA ARG A 75 26.80 -26.34 25.72
C ARG A 75 27.56 -27.64 25.79
N VAL A 76 26.85 -28.72 26.07
CA VAL A 76 27.44 -30.04 26.07
C VAL A 76 27.95 -30.42 24.67
N ASP A 77 27.15 -30.16 23.64
CA ASP A 77 27.53 -30.50 22.26
C ASP A 77 28.85 -29.86 21.84
N LEU A 78 29.03 -28.58 22.20
CA LEU A 78 30.27 -27.87 21.91
C LEU A 78 31.46 -28.58 22.50
N ARG A 79 31.33 -29.02 23.75
CA ARG A 79 32.38 -29.82 24.38
C ARG A 79 32.58 -31.17 23.69
N THR A 80 31.48 -31.82 23.34
CA THR A 80 31.52 -33.12 22.65
C THR A 80 32.32 -33.02 21.35
N LEU A 81 32.03 -32.00 20.54
CA LEU A 81 32.75 -31.82 19.26
C LEU A 81 34.23 -31.53 19.42
N LEU A 82 34.66 -30.87 20.49
CA LEU A 82 36.10 -30.74 20.72
C LEU A 82 36.76 -32.12 20.84
N GLY A 83 36.09 -33.04 21.53
CA GLY A 83 36.54 -34.43 21.60
C GLY A 83 36.57 -35.09 20.24
N TYR A 84 35.47 -35.03 19.50
CA TYR A 84 35.37 -35.69 18.19
C TYR A 84 36.46 -35.25 17.22
N TYR A 85 36.74 -33.94 17.18
CA TYR A 85 37.72 -33.36 16.23
C TYR A 85 39.12 -33.22 16.84
N ASN A 86 39.26 -33.54 18.12
CA ASN A 86 40.48 -33.33 18.88
C ASN A 86 40.98 -31.90 18.76
N GLN A 87 40.14 -30.98 19.21
CA GLN A 87 40.44 -29.57 19.24
C GLN A 87 40.65 -29.15 20.66
N SER A 88 41.47 -28.13 20.86
CA SER A 88 41.79 -27.66 22.21
C SER A 88 40.66 -26.84 22.82
N LYS A 89 40.69 -26.71 24.13
CA LYS A 89 39.64 -26.00 24.88
C LYS A 89 39.68 -24.46 24.79
N GLY A 90 40.74 -23.89 24.20
CA GLY A 90 40.93 -22.44 24.17
C GLY A 90 40.23 -21.64 23.09
N GLY A 91 39.79 -22.30 22.01
CA GLY A 91 39.23 -21.60 20.84
C GLY A 91 37.73 -21.43 20.87
N SER A 92 37.22 -20.40 20.18
CA SER A 92 35.78 -20.23 20.01
C SER A 92 35.30 -21.11 18.85
N HIS A 93 34.15 -21.76 19.03
CA HIS A 93 33.52 -22.56 17.96
C HIS A 93 32.04 -22.29 17.91
N THR A 94 31.46 -22.63 16.76
CA THR A 94 30.08 -22.32 16.49
C THR A 94 29.32 -23.55 16.01
N ILE A 95 28.19 -23.85 16.64
CA ILE A 95 27.23 -24.82 16.09
C ILE A 95 26.00 -24.05 15.61
N GLN A 96 25.49 -24.42 14.42
CA GLN A 96 24.26 -23.84 13.91
C GLN A 96 23.29 -24.94 13.51
N VAL A 97 22.01 -24.64 13.64
CA VAL A 97 20.96 -25.58 13.24
C VAL A 97 19.85 -24.83 12.50
N ILE A 98 19.31 -25.48 11.47
CA ILE A 98 18.06 -25.06 10.84
C ILE A 98 17.13 -26.27 10.95
N SER A 99 15.92 -26.00 11.43
CA SER A 99 14.91 -27.02 11.67
C SER A 99 13.56 -26.46 11.29
N GLY A 100 12.74 -27.24 10.62
CA GLY A 100 11.46 -26.72 10.20
C GLY A 100 10.66 -27.58 9.26
N CYS A 101 9.46 -27.09 8.96
CA CYS A 101 8.53 -27.76 8.08
C CYS A 101 7.99 -26.75 7.09
N GLU A 102 7.84 -27.19 5.85
CA GLU A 102 7.21 -26.41 4.79
C GLU A 102 5.95 -27.19 4.34
N VAL A 103 4.79 -26.52 4.35
CA VAL A 103 3.54 -27.15 3.87
C VAL A 103 3.05 -26.50 2.59
N GLY A 104 2.43 -27.29 1.73
CA GLY A 104 1.87 -26.80 0.47
C GLY A 104 0.59 -26.01 0.68
N SER A 105 0.06 -25.53 -0.44
CA SER A 105 -1.26 -24.88 -0.47
C SER A 105 -2.36 -25.74 0.16
N ASP A 106 -2.25 -27.06 0.02
CA ASP A 106 -3.24 -28.00 0.55
C ASP A 106 -3.09 -28.39 2.03
N GLY A 107 -2.12 -27.81 2.74
CA GLY A 107 -1.88 -28.16 4.15
C GLY A 107 -1.05 -29.41 4.37
N ARG A 108 -0.65 -30.09 3.29
CA ARG A 108 0.18 -31.29 3.39
C ARG A 108 1.63 -30.88 3.54
N LEU A 109 2.38 -31.69 4.27
CA LEU A 109 3.81 -31.47 4.44
C LEU A 109 4.50 -31.65 3.09
N LEU A 110 5.25 -30.64 2.67
CA LEU A 110 6.08 -30.69 1.45
C LEU A 110 7.50 -31.13 1.75
N ARG A 111 8.10 -30.53 2.78
CA ARG A 111 9.50 -30.79 3.16
C ARG A 111 9.64 -30.54 4.67
N GLY A 112 10.29 -31.47 5.37
CA GLY A 112 10.73 -31.26 6.75
C GLY A 112 12.23 -31.43 6.80
N TYR A 113 12.93 -30.63 7.61
CA TYR A 113 14.41 -30.73 7.67
C TYR A 113 14.97 -30.36 9.04
N GLN A 114 16.18 -30.86 9.28
CA GLN A 114 16.93 -30.63 10.50
C GLN A 114 18.39 -30.75 10.10
N GLN A 115 19.07 -29.60 10.01
CA GLN A 115 20.41 -29.55 9.44
C GLN A 115 21.34 -28.84 10.43
N TYR A 116 22.51 -29.43 10.68
CA TYR A 116 23.48 -28.94 11.65
C TYR A 116 24.75 -28.56 10.91
N ALA A 117 25.44 -27.52 11.40
CA ALA A 117 26.76 -27.14 10.91
C ALA A 117 27.68 -26.90 12.08
N TYR A 118 28.97 -27.11 11.85
CA TYR A 118 30.00 -26.80 12.85
C TYR A 118 31.05 -25.95 12.20
N ASP A 119 31.35 -24.82 12.84
CA ASP A 119 32.28 -23.83 12.32
C ASP A 119 32.09 -23.52 10.82
N GLY A 120 30.85 -23.35 10.40
CA GLY A 120 30.54 -22.87 9.06
C GLY A 120 30.41 -23.95 7.99
N CYS A 121 30.60 -25.21 8.37
CA CYS A 121 30.52 -26.36 7.44
C CYS A 121 29.43 -27.34 7.84
N ASP A 122 28.77 -27.91 6.84
CA ASP A 122 27.78 -28.95 7.07
C ASP A 122 28.32 -30.03 8.02
N TYR A 123 27.48 -30.46 8.95
CA TYR A 123 27.84 -31.49 9.91
C TYR A 123 26.98 -32.72 9.72
N ILE A 124 25.69 -32.61 10.01
CA ILE A 124 24.73 -33.69 9.79
C ILE A 124 23.39 -33.13 9.35
N ALA A 125 22.67 -33.91 8.55
CA ALA A 125 21.34 -33.51 8.10
C ALA A 125 20.37 -34.68 8.09
N LEU A 126 19.14 -34.42 8.54
CA LEU A 126 18.06 -35.39 8.45
C LEU A 126 17.62 -35.42 7.00
N ASN A 127 17.49 -36.62 6.44
CA ASN A 127 17.08 -36.77 5.03
C ASN A 127 15.57 -36.60 4.87
N GLU A 128 15.13 -36.40 3.63
CA GLU A 128 13.71 -36.09 3.33
C GLU A 128 12.71 -37.16 3.75
N ASP A 129 13.12 -38.43 3.70
CA ASP A 129 12.33 -39.52 4.27
C ASP A 129 11.96 -39.34 5.74
N LEU A 130 12.73 -38.52 6.47
CA LEU A 130 12.54 -38.26 7.91
C LEU A 130 12.78 -39.54 8.73
N LYS A 131 13.58 -40.44 8.15
CA LYS A 131 13.95 -41.72 8.77
C LYS A 131 15.46 -41.93 8.86
N THR A 132 16.26 -41.38 7.93
CA THR A 132 17.72 -41.57 7.94
C THR A 132 18.53 -40.25 7.93
N TRP A 133 19.83 -40.36 8.23
CA TRP A 133 20.76 -39.21 8.35
C TRP A 133 21.92 -39.25 7.35
N THR A 134 22.29 -38.07 6.85
CA THR A 134 23.52 -37.86 6.08
C THR A 134 24.55 -37.14 6.94
N ALA A 135 25.70 -37.79 7.17
CA ALA A 135 26.83 -37.22 7.93
C ALA A 135 27.88 -36.68 6.96
N ALA A 136 28.43 -35.50 7.26
CA ALA A 136 29.37 -34.80 6.37
C ALA A 136 30.83 -35.23 6.50
N ASP A 137 31.21 -35.78 7.65
CA ASP A 137 32.58 -36.23 7.92
C ASP A 137 32.57 -37.36 8.93
N MET A 138 33.74 -37.87 9.30
CA MET A 138 33.81 -38.98 10.23
C MET A 138 33.42 -38.62 11.67
N ALA A 139 33.47 -37.33 12.03
CA ALA A 139 32.98 -36.91 13.35
C ALA A 139 31.48 -37.04 13.38
N ALA A 140 30.80 -36.42 12.41
CA ALA A 140 29.35 -36.48 12.31
C ALA A 140 28.80 -37.91 12.18
N LEU A 141 29.60 -38.82 11.62
CA LEU A 141 29.22 -40.24 11.59
C LEU A 141 28.99 -40.82 12.98
N ILE A 142 29.78 -40.37 13.95
CA ILE A 142 29.64 -40.79 15.35
C ILE A 142 28.25 -40.36 15.86
N THR A 143 27.86 -39.12 15.58
CA THR A 143 26.52 -38.64 15.96
C THR A 143 25.42 -39.47 15.27
N LYS A 144 25.61 -39.74 13.99
CA LYS A 144 24.65 -40.50 13.19
C LYS A 144 24.33 -41.85 13.85
N HIS A 145 25.37 -42.64 14.09
CA HIS A 145 25.20 -43.97 14.70
C HIS A 145 24.55 -43.89 16.08
N LYS A 146 24.92 -42.90 16.87
CA LYS A 146 24.24 -42.63 18.15
C LYS A 146 22.74 -42.38 17.97
N TRP A 147 22.40 -41.54 17.00
CA TRP A 147 20.99 -41.15 16.76
C TRP A 147 20.14 -42.25 16.13
N GLU A 148 20.76 -43.04 15.23
CA GLU A 148 20.14 -44.27 14.71
C GLU A 148 19.79 -45.25 15.83
N GLN A 149 20.71 -45.41 16.80
CA GLN A 149 20.51 -46.28 17.96
C GLN A 149 19.69 -45.67 19.12
N ALA A 150 19.15 -44.45 18.96
CA ALA A 150 18.36 -43.77 20.00
C ALA A 150 16.93 -43.38 19.58
N GLY A 151 16.53 -43.68 18.34
CA GLY A 151 15.23 -43.27 17.82
C GLY A 151 15.05 -41.76 17.78
N GLU A 152 16.09 -41.06 17.35
CA GLU A 152 16.06 -39.61 17.20
C GLU A 152 15.24 -39.22 15.95
N ALA A 153 15.49 -39.90 14.82
CA ALA A 153 14.74 -39.68 13.58
C ALA A 153 13.24 -39.93 13.77
N GLU A 154 12.88 -40.90 14.62
CA GLU A 154 11.50 -41.13 15.01
C GLU A 154 10.95 -39.93 15.78
N ARG A 155 11.66 -39.50 16.82
CA ARG A 155 11.27 -38.31 17.59
C ARG A 155 11.16 -37.04 16.72
N LEU A 156 12.03 -36.93 15.69
CA LEU A 156 11.99 -35.80 14.75
C LEU A 156 10.86 -35.87 13.74
N ARG A 157 10.63 -37.05 13.17
CA ARG A 157 9.51 -37.27 12.23
C ARG A 157 8.17 -36.91 12.87
N ALA A 158 7.99 -37.30 14.14
CA ALA A 158 6.78 -36.97 14.91
C ALA A 158 6.61 -35.49 15.20
N TYR A 159 7.72 -34.78 15.43
CA TYR A 159 7.68 -33.32 15.59
C TYR A 159 7.36 -32.64 14.25
N LEU A 160 8.09 -33.01 13.20
CA LEU A 160 8.01 -32.32 11.90
C LEU A 160 6.67 -32.53 11.19
N GLU A 161 6.19 -33.77 11.20
CA GLU A 161 4.88 -34.11 10.62
C GLU A 161 3.74 -33.72 11.55
N GLY A 162 3.97 -33.77 12.85
CA GLY A 162 2.91 -33.55 13.83
C GLY A 162 2.87 -32.11 14.26
N THR A 163 3.59 -31.83 15.35
CA THR A 163 3.47 -30.55 16.05
C THR A 163 3.86 -29.35 15.17
N CYS A 164 4.90 -29.50 14.35
CA CYS A 164 5.35 -28.40 13.46
C CYS A 164 4.24 -27.95 12.52
N VAL A 165 3.65 -28.90 11.80
CA VAL A 165 2.58 -28.59 10.88
C VAL A 165 1.38 -28.02 11.64
N GLU A 166 1.05 -28.60 12.79
CA GLU A 166 -0.06 -28.13 13.64
C GLU A 166 0.11 -26.68 14.09
N TRP A 167 1.29 -26.38 14.63
CA TRP A 167 1.65 -25.01 15.03
C TRP A 167 1.69 -24.09 13.82
N LEU A 168 2.28 -24.56 12.72
CA LEU A 168 2.34 -23.77 11.49
C LEU A 168 0.93 -23.48 10.99
N ARG A 169 0.11 -24.54 10.90
CA ARG A 169 -1.29 -24.43 10.43
C ARG A 169 -2.08 -23.37 11.19
N ARG A 170 -1.80 -23.20 12.48
CA ARG A 170 -2.50 -22.21 13.29
C ARG A 170 -1.76 -20.86 13.37
N TYR A 171 -0.41 -20.87 13.31
CA TYR A 171 0.41 -19.65 13.36
C TYR A 171 0.09 -18.76 12.17
N LEU A 172 -0.20 -17.48 12.43
CA LEU A 172 -0.55 -16.52 11.38
C LEU A 172 -1.72 -17.05 10.51
N LYS A 173 -2.75 -17.58 11.19
CA LYS A 173 -3.90 -18.19 10.51
C LYS A 173 -5.19 -17.95 11.31
N ALA A 177 -5.05 -15.07 8.42
CA ALA A 177 -3.95 -14.12 8.21
C ALA A 177 -2.92 -14.57 7.15
N THR A 178 -3.13 -15.76 6.61
CA THR A 178 -2.27 -16.44 5.59
C THR A 178 -1.63 -15.68 4.38
N LEU A 179 -1.99 -14.45 4.04
CA LEU A 179 -1.48 -13.83 2.77
C LEU A 179 -0.44 -12.72 2.97
N LEU A 180 0.46 -12.58 1.98
CA LEU A 180 1.74 -11.89 2.19
C LEU A 180 1.79 -10.45 1.66
N ARG A 181 2.39 -9.58 2.47
CA ARG A 181 2.57 -8.17 2.16
C ARG A 181 3.47 -8.03 0.92
N THR A 182 3.15 -7.07 0.07
CA THR A 182 4.05 -6.61 -1.00
C THR A 182 4.01 -5.10 -1.08
N ASP A 183 5.18 -4.49 -1.21
CA ASP A 183 5.29 -3.07 -1.45
C ASP A 183 6.03 -2.94 -2.76
N SER A 184 5.45 -2.21 -3.70
CA SER A 184 6.02 -2.07 -5.04
C SER A 184 7.26 -1.18 -5.02
N PRO A 185 8.26 -1.48 -5.86
CA PRO A 185 9.40 -0.55 -5.96
C PRO A 185 9.02 0.75 -6.62
N LYS A 186 9.61 1.85 -6.15
CA LYS A 186 9.64 3.10 -6.90
C LYS A 186 11.02 3.17 -7.55
N ALA A 187 11.06 3.51 -8.83
CA ALA A 187 12.31 3.49 -9.57
C ALA A 187 12.65 4.83 -10.19
N HIS A 188 13.93 5.10 -10.33
CA HIS A 188 14.44 6.29 -11.00
C HIS A 188 15.82 6.00 -11.53
N VAL A 189 16.24 6.78 -12.52
CA VAL A 189 17.57 6.65 -13.10
C VAL A 189 18.41 7.85 -12.75
N THR A 190 19.63 7.61 -12.29
CA THR A 190 20.62 8.69 -12.12
C THR A 190 21.73 8.62 -13.18
N HIS A 191 22.44 9.73 -13.30
CA HIS A 191 23.39 9.97 -14.39
C HIS A 191 24.69 10.43 -13.75
N HIS A 192 25.79 9.77 -14.07
CA HIS A 192 27.09 10.12 -13.47
C HIS A 192 28.18 10.12 -14.53
N SER A 193 29.17 11.00 -14.35
CA SER A 193 30.26 11.14 -15.32
C SER A 193 31.27 9.99 -15.25
N ARG A 194 31.86 9.64 -16.41
CA ARG A 194 32.95 8.69 -16.50
C ARG A 194 34.09 9.33 -17.29
N PRO A 195 35.31 8.75 -17.22
CA PRO A 195 36.39 9.38 -17.98
C PRO A 195 36.08 9.48 -19.48
N GLU A 196 36.45 10.62 -20.05
CA GLU A 196 36.28 10.90 -21.47
C GLU A 196 34.79 10.90 -21.87
N ASP A 197 34.46 10.09 -22.85
CA ASP A 197 33.25 10.23 -23.62
C ASP A 197 32.23 9.21 -23.16
N LYS A 198 32.22 8.88 -21.86
CA LYS A 198 31.28 7.87 -21.35
C LYS A 198 30.54 8.38 -20.13
N VAL A 199 29.38 7.80 -19.87
CA VAL A 199 28.61 8.13 -18.68
C VAL A 199 28.07 6.87 -18.04
N THR A 200 27.82 6.93 -16.75
CA THR A 200 27.17 5.84 -16.05
C THR A 200 25.71 6.18 -15.84
N LEU A 201 24.85 5.24 -16.22
CA LEU A 201 23.42 5.31 -15.90
C LEU A 201 23.13 4.29 -14.80
N ARG A 202 22.47 4.72 -13.72
CA ARG A 202 22.21 3.81 -12.59
C ARG A 202 20.72 3.78 -12.35
N CYS A 203 20.14 2.59 -12.42
CA CYS A 203 18.72 2.37 -12.25
C CYS A 203 18.49 1.90 -10.83
N TRP A 204 17.71 2.69 -10.08
CA TRP A 204 17.40 2.43 -8.68
C TRP A 204 16.00 1.90 -8.49
N ALA A 205 15.86 0.93 -7.60
CA ALA A 205 14.58 0.47 -7.07
C ALA A 205 14.63 0.62 -5.55
N LEU A 206 13.64 1.32 -5.01
CA LEU A 206 13.56 1.66 -3.60
C LEU A 206 12.21 1.34 -3.02
N GLY A 207 12.21 1.04 -1.72
CA GLY A 207 10.99 0.89 -0.94
C GLY A 207 10.17 -0.35 -1.19
N PHE A 208 10.79 -1.42 -1.68
CA PHE A 208 10.06 -2.62 -2.06
C PHE A 208 10.13 -3.73 -1.00
N TYR A 209 9.11 -4.59 -1.04
CA TYR A 209 9.01 -5.77 -0.18
C TYR A 209 8.17 -6.82 -0.91
N PRO A 210 8.60 -8.08 -0.90
CA PRO A 210 9.83 -8.65 -0.34
C PRO A 210 11.08 -8.33 -1.15
N ALA A 211 12.21 -8.86 -0.69
CA ALA A 211 13.51 -8.55 -1.29
C ALA A 211 13.68 -9.01 -2.74
N ASP A 212 13.00 -10.09 -3.13
CA ASP A 212 13.16 -10.66 -4.46
CA ASP A 212 13.21 -10.64 -4.47
C ASP A 212 12.83 -9.61 -5.52
N ILE A 213 13.74 -9.35 -6.45
CA ILE A 213 13.55 -8.34 -7.50
C ILE A 213 14.53 -8.60 -8.62
N THR A 214 14.24 -8.11 -9.82
CA THR A 214 15.18 -8.15 -10.92
C THR A 214 15.20 -6.82 -11.62
N LEU A 215 16.40 -6.32 -11.85
CA LEU A 215 16.65 -5.12 -12.63
C LEU A 215 17.45 -5.50 -13.84
N THR A 216 17.09 -4.96 -15.00
CA THR A 216 17.87 -5.17 -16.23
C THR A 216 18.01 -3.87 -16.98
N TRP A 217 19.02 -3.80 -17.83
CA TRP A 217 19.18 -2.71 -18.77
C TRP A 217 19.12 -3.30 -20.17
N GLN A 218 18.37 -2.66 -21.05
CA GLN A 218 18.22 -3.11 -22.44
C GLN A 218 18.75 -2.05 -23.40
N LEU A 219 19.48 -2.50 -24.42
CA LEU A 219 19.80 -1.71 -25.60
C LEU A 219 19.21 -2.47 -26.78
N ASN A 220 18.27 -1.85 -27.48
CA ASN A 220 17.61 -2.48 -28.63
C ASN A 220 17.04 -3.86 -28.29
N GLY A 221 16.18 -3.91 -27.27
CA GLY A 221 15.47 -5.13 -26.93
C GLY A 221 16.23 -6.25 -26.24
N GLU A 222 17.55 -6.16 -26.14
CA GLU A 222 18.37 -7.22 -25.54
C GLU A 222 18.97 -6.75 -24.21
N GLU A 223 18.94 -7.64 -23.22
CA GLU A 223 19.45 -7.37 -21.87
C GLU A 223 20.97 -7.33 -21.88
N LEU A 224 21.56 -6.34 -21.22
CA LEU A 224 23.01 -6.14 -21.18
C LEU A 224 23.61 -6.87 -19.98
N ILE A 225 23.65 -8.19 -20.05
CA ILE A 225 24.13 -9.01 -18.94
C ILE A 225 25.62 -8.82 -18.67
N GLN A 226 26.41 -8.75 -19.73
CA GLN A 226 27.87 -8.71 -19.61
C GLN A 226 28.41 -7.42 -18.97
N ASP A 227 27.93 -6.27 -19.46
CA ASP A 227 28.50 -4.97 -19.07
C ASP A 227 27.89 -4.30 -17.82
N MET A 228 26.90 -4.92 -17.20
CA MET A 228 26.11 -4.28 -16.16
C MET A 228 26.72 -4.54 -14.78
N GLU A 229 26.74 -3.51 -13.92
CA GLU A 229 27.16 -3.66 -12.53
C GLU A 229 25.91 -3.67 -11.65
N LEU A 230 25.89 -4.56 -10.67
CA LEU A 230 24.70 -4.81 -9.84
C LEU A 230 25.19 -4.75 -8.39
N VAL A 231 24.39 -4.22 -7.47
CA VAL A 231 24.66 -4.46 -6.04
C VAL A 231 23.73 -5.54 -5.54
N GLU A 232 24.17 -6.26 -4.52
CA GLU A 232 23.30 -7.19 -3.82
C GLU A 232 22.16 -6.39 -3.17
N THR A 233 20.97 -6.97 -3.19
CA THR A 233 19.78 -6.35 -2.60
C THR A 233 20.05 -6.15 -1.10
N ARG A 234 19.64 -5.01 -0.58
CA ARG A 234 20.03 -4.58 0.76
C ARG A 234 18.89 -3.92 1.49
N PRO A 235 18.84 -4.10 2.83
CA PRO A 235 17.74 -3.49 3.56
C PRO A 235 17.90 -1.99 3.81
N ALA A 236 16.81 -1.25 3.65
CA ALA A 236 16.80 0.15 4.01
C ALA A 236 16.87 0.39 5.50
N GLY A 237 16.42 -0.59 6.29
CA GLY A 237 16.37 -0.49 7.74
C GLY A 237 14.99 -0.30 8.30
N ASP A 238 14.04 0.00 7.43
CA ASP A 238 12.63 0.24 7.80
C ASP A 238 11.69 -0.91 7.39
N GLY A 239 12.26 -2.05 6.99
CA GLY A 239 11.50 -3.18 6.48
C GLY A 239 11.50 -3.35 4.98
N THR A 240 11.90 -2.30 4.25
CA THR A 240 11.92 -2.35 2.79
C THR A 240 13.36 -2.56 2.29
N PHE A 241 13.48 -2.85 1.00
CA PHE A 241 14.76 -3.12 0.38
C PHE A 241 15.11 -2.16 -0.74
N GLN A 242 16.38 -2.18 -1.13
CA GLN A 242 16.95 -1.34 -2.17
C GLN A 242 17.79 -2.20 -3.11
N LYS A 243 17.87 -1.76 -4.36
CA LYS A 243 18.80 -2.37 -5.29
C LYS A 243 19.08 -1.38 -6.38
N TRP A 244 20.25 -1.48 -6.99
CA TRP A 244 20.51 -0.76 -8.24
C TRP A 244 21.29 -1.58 -9.24
N ALA A 245 21.17 -1.19 -10.51
CA ALA A 245 21.98 -1.76 -11.60
C ALA A 245 22.48 -0.61 -12.47
N SER A 246 23.74 -0.64 -12.87
CA SER A 246 24.26 0.43 -13.73
C SER A 246 24.90 -0.09 -14.99
N VAL A 247 24.95 0.79 -15.99
CA VAL A 247 25.73 0.51 -17.20
C VAL A 247 26.49 1.74 -17.62
N VAL A 248 27.61 1.53 -18.28
CA VAL A 248 28.40 2.60 -18.84
C VAL A 248 28.01 2.70 -20.30
N VAL A 249 27.68 3.91 -20.73
CA VAL A 249 27.22 4.13 -22.08
C VAL A 249 27.93 5.32 -22.71
N PRO A 250 27.93 5.38 -24.06
CA PRO A 250 28.53 6.53 -24.70
C PRO A 250 27.79 7.84 -24.37
N LEU A 251 28.56 8.90 -24.14
CA LEU A 251 28.04 10.24 -23.99
C LEU A 251 27.15 10.61 -25.18
N GLY A 252 25.93 11.07 -24.89
CA GLY A 252 24.95 11.39 -25.90
C GLY A 252 24.01 10.27 -26.34
N LYS A 253 24.25 9.03 -25.90
CA LYS A 253 23.40 7.88 -26.29
C LYS A 253 22.54 7.40 -25.14
N GLU A 254 22.33 8.26 -24.13
CA GLU A 254 21.64 7.82 -22.91
C GLU A 254 20.20 7.35 -23.22
N GLN A 255 19.55 7.98 -24.18
CA GLN A 255 18.16 7.62 -24.54
C GLN A 255 18.00 6.32 -25.32
N TYR A 256 19.10 5.62 -25.58
CA TYR A 256 19.06 4.35 -26.28
C TYR A 256 18.94 3.18 -25.30
N TYR A 257 19.03 3.47 -23.99
CA TYR A 257 19.05 2.46 -22.95
C TYR A 257 17.79 2.54 -22.08
N THR A 258 17.24 1.38 -21.74
CA THR A 258 16.03 1.28 -20.93
C THR A 258 16.23 0.36 -19.74
N CYS A 259 15.88 0.85 -18.56
CA CYS A 259 15.90 0.02 -17.37
C CYS A 259 14.53 -0.67 -17.23
N HIS A 260 14.58 -1.97 -16.91
CA HIS A 260 13.38 -2.73 -16.59
C HIS A 260 13.46 -3.25 -15.15
N VAL A 261 12.37 -3.03 -14.42
CA VAL A 261 12.22 -3.47 -13.04
C VAL A 261 11.07 -4.48 -12.92
N TYR A 262 11.40 -5.67 -12.42
CA TYR A 262 10.43 -6.77 -12.26
C TYR A 262 10.27 -7.08 -10.79
N HIS A 263 9.03 -6.97 -10.28
CA HIS A 263 8.74 -7.22 -8.86
C HIS A 263 7.31 -7.73 -8.71
N GLN A 264 7.11 -8.66 -7.79
CA GLN A 264 5.79 -9.31 -7.60
C GLN A 264 4.68 -8.35 -7.22
N GLY A 265 5.03 -7.24 -6.60
CA GLY A 265 4.11 -6.17 -6.29
C GLY A 265 3.56 -5.37 -7.45
N LEU A 266 4.26 -5.38 -8.59
CA LEU A 266 3.87 -4.52 -9.72
C LEU A 266 2.78 -5.17 -10.58
N PRO A 267 1.77 -4.37 -11.02
CA PRO A 267 0.81 -4.90 -12.00
C PRO A 267 1.52 -5.34 -13.28
N GLU A 268 2.52 -4.57 -13.70
CA GLU A 268 3.39 -4.95 -14.79
C GLU A 268 4.76 -4.30 -14.57
N PRO A 269 5.82 -4.83 -15.21
CA PRO A 269 7.17 -4.30 -14.98
C PRO A 269 7.31 -2.81 -15.28
N LEU A 270 8.14 -2.11 -14.53
CA LEU A 270 8.45 -0.71 -14.82
C LEU A 270 9.44 -0.66 -15.94
N THR A 271 9.28 0.29 -16.85
CA THR A 271 10.31 0.60 -17.83
C THR A 271 10.63 2.07 -17.68
N LEU A 272 11.92 2.42 -17.67
CA LEU A 272 12.28 3.83 -17.49
C LEU A 272 13.60 4.15 -18.11
N ARG A 273 13.77 5.43 -18.43
CA ARG A 273 15.02 5.94 -19.03
C ARG A 273 15.51 7.13 -18.25
N TRP A 274 16.74 7.53 -18.54
CA TRP A 274 17.31 8.75 -17.99
C TRP A 274 16.43 9.92 -18.42
N GLU A 275 15.99 10.72 -17.45
CA GLU A 275 15.17 11.91 -17.73
C GLU A 275 15.90 13.15 -17.20
N PRO A 276 16.64 13.87 -18.08
CA PRO A 276 17.36 15.05 -17.61
C PRO A 276 16.41 16.18 -17.21
N GLY B 1 -40.41 4.40 -15.07
CA GLY B 1 -39.04 3.82 -15.23
C GLY B 1 -38.57 3.07 -13.98
N PRO B 2 -37.28 2.63 -13.97
CA PRO B 2 -36.75 1.88 -12.83
C PRO B 2 -36.37 2.79 -11.66
N HIS B 3 -36.20 2.20 -10.47
CA HIS B 3 -35.83 2.95 -9.28
C HIS B 3 -34.78 2.19 -8.49
N SER B 4 -34.23 2.85 -7.47
CA SER B 4 -33.13 2.26 -6.71
C SER B 4 -33.08 2.82 -5.30
N LEU B 5 -32.78 1.94 -4.34
CA LEU B 5 -32.40 2.33 -3.00
C LEU B 5 -31.04 1.73 -2.78
N ARG B 6 -30.04 2.57 -2.49
CA ARG B 6 -28.67 2.12 -2.27
C ARG B 6 -28.02 2.86 -1.09
N TYR B 7 -27.12 2.17 -0.42
CA TYR B 7 -26.34 2.74 0.69
C TYR B 7 -24.86 2.62 0.36
N PHE B 8 -24.16 3.75 0.48
CA PHE B 8 -22.73 3.82 0.21
C PHE B 8 -22.04 3.99 1.56
N VAL B 9 -21.12 3.10 1.91
CA VAL B 9 -20.52 3.05 3.24
C VAL B 9 -19.01 3.24 3.11
N THR B 10 -18.42 4.03 4.00
CA THR B 10 -16.99 4.27 4.05
C THR B 10 -16.51 4.13 5.48
N ALA B 11 -15.44 3.33 5.65
CA ALA B 11 -14.79 3.20 6.93
C ALA B 11 -13.29 3.46 6.74
N VAL B 12 -12.75 4.46 7.42
CA VAL B 12 -11.36 4.89 7.21
C VAL B 12 -10.60 4.89 8.51
N SER B 13 -9.57 4.04 8.62
CA SER B 13 -8.75 4.02 9.83
C SER B 13 -7.86 5.27 9.89
N ARG B 14 -7.54 5.68 11.11
CA ARG B 14 -6.80 6.92 11.36
C ARG B 14 -5.78 6.67 12.48
N PRO B 15 -4.83 5.73 12.27
CA PRO B 15 -3.92 5.44 13.40
C PRO B 15 -3.19 6.68 13.92
N GLY B 16 -3.20 6.86 15.23
CA GLY B 16 -2.61 8.04 15.84
C GLY B 16 -3.44 9.30 15.82
N LEU B 17 -4.63 9.26 15.22
CA LEU B 17 -5.55 10.38 15.26
C LEU B 17 -6.90 10.07 15.94
N GLY B 18 -7.07 8.85 16.45
CA GLY B 18 -8.33 8.44 17.10
C GLY B 18 -9.02 7.29 16.38
N GLU B 19 -10.34 7.23 16.49
CA GLU B 19 -11.09 6.09 15.96
C GLU B 19 -11.32 6.23 14.47
N PRO B 20 -11.63 5.11 13.79
CA PRO B 20 -11.95 5.24 12.36
C PRO B 20 -13.13 6.16 12.09
N ARG B 21 -13.09 6.80 10.93
CA ARG B 21 -14.18 7.64 10.46
C ARG B 21 -15.12 6.71 9.71
N TYR B 22 -16.40 6.79 10.00
CA TYR B 22 -17.39 5.90 9.41
C TYR B 22 -18.52 6.76 8.92
N MET B 23 -18.94 6.51 7.68
N MET B 23 -19.04 6.40 7.74
CA MET B 23 -20.02 7.23 7.05
CA MET B 23 -19.96 7.22 7.00
C MET B 23 -20.93 6.23 6.37
C MET B 23 -20.92 6.29 6.26
N GLU B 24 -22.23 6.51 6.41
CA GLU B 24 -23.23 5.81 5.58
C GLU B 24 -24.02 6.88 4.87
N VAL B 25 -24.26 6.69 3.57
CA VAL B 25 -25.08 7.63 2.80
C VAL B 25 -26.11 6.84 2.02
N GLY B 26 -27.38 7.21 2.17
CA GLY B 26 -28.47 6.54 1.47
C GLY B 26 -28.83 7.30 0.21
N TYR B 27 -29.10 6.58 -0.88
CA TYR B 27 -29.57 7.17 -2.15
C TYR B 27 -30.86 6.51 -2.62
N VAL B 28 -31.87 7.34 -2.90
CA VAL B 28 -33.04 6.94 -3.67
C VAL B 28 -32.87 7.50 -5.08
N ASP B 29 -32.79 6.63 -6.09
CA ASP B 29 -32.58 7.01 -7.49
C ASP B 29 -31.40 7.94 -7.65
N ASP B 30 -30.26 7.51 -7.08
CA ASP B 30 -29.01 8.29 -7.10
C ASP B 30 -29.09 9.69 -6.47
N THR B 31 -30.09 9.93 -5.63
CA THR B 31 -30.30 11.21 -4.96
C THR B 31 -30.11 10.97 -3.48
N GLU B 32 -29.19 11.70 -2.83
CA GLU B 32 -28.92 11.52 -1.41
C GLU B 32 -30.13 11.91 -0.55
N PHE B 33 -30.52 11.01 0.35
CA PHE B 33 -31.70 11.25 1.19
C PHE B 33 -31.51 11.07 2.69
N VAL B 34 -30.49 10.31 3.10
CA VAL B 34 -30.12 10.18 4.51
C VAL B 34 -28.59 10.04 4.61
N ARG B 35 -28.04 10.44 5.76
CA ARG B 35 -26.60 10.32 6.01
C ARG B 35 -26.32 10.11 7.50
N PHE B 36 -25.39 9.21 7.79
CA PHE B 36 -24.84 9.01 9.13
C PHE B 36 -23.34 9.30 9.07
N ASP B 37 -22.87 10.20 9.92
CA ASP B 37 -21.45 10.57 9.99
C ASP B 37 -20.96 10.41 11.43
N SER B 38 -20.04 9.49 11.63
CA SER B 38 -19.50 9.20 12.98
C SER B 38 -18.67 10.33 13.57
N ASP B 39 -18.24 11.30 12.76
CA ASP B 39 -17.36 12.37 13.22
C ASP B 39 -18.17 13.55 13.75
N ALA B 40 -18.96 13.29 14.78
CA ALA B 40 -19.77 14.28 15.45
C ALA B 40 -19.77 13.87 16.91
N GLU B 41 -19.98 14.86 17.79
CA GLU B 41 -20.02 14.57 19.23
C GLU B 41 -21.14 13.59 19.54
N ASN B 42 -22.27 13.77 18.86
CA ASN B 42 -23.45 12.90 19.00
C ASN B 42 -23.96 12.44 17.62
N PRO B 43 -23.30 11.42 17.01
CA PRO B 43 -23.64 10.95 15.66
C PRO B 43 -25.07 10.42 15.56
N ARG B 44 -25.79 10.86 14.53
CA ARG B 44 -27.16 10.41 14.29
C ARG B 44 -27.42 10.29 12.80
N TYR B 45 -28.27 9.36 12.40
CA TYR B 45 -28.80 9.38 11.04
C TYR B 45 -29.61 10.67 10.86
N GLU B 46 -29.37 11.38 9.77
CA GLU B 46 -30.03 12.67 9.52
C GLU B 46 -30.72 12.66 8.18
N PRO B 47 -31.87 13.36 8.08
CA PRO B 47 -32.46 13.56 6.77
C PRO B 47 -31.63 14.51 5.92
N ARG B 48 -31.57 14.18 4.63
CA ARG B 48 -30.87 15.00 3.63
C ARG B 48 -31.78 15.48 2.51
N ALA B 49 -33.04 15.05 2.52
CA ALA B 49 -34.09 15.57 1.66
C ALA B 49 -35.25 16.00 2.55
N ARG B 50 -35.94 17.08 2.20
CA ARG B 50 -37.02 17.63 3.05
C ARG B 50 -38.18 16.65 3.25
N TRP B 51 -38.44 15.79 2.26
CA TRP B 51 -39.50 14.77 2.35
C TRP B 51 -39.26 13.66 3.37
N MET B 52 -38.01 13.48 3.80
CA MET B 52 -37.69 12.52 4.85
C MET B 52 -38.04 13.02 6.26
N GLU B 53 -38.27 14.32 6.40
CA GLU B 53 -38.65 14.89 7.70
C GLU B 53 -40.03 14.40 8.16
N GLN B 54 -40.80 13.81 7.25
CA GLN B 54 -42.03 13.08 7.58
C GLN B 54 -41.85 11.93 8.57
N GLU B 55 -40.72 11.22 8.50
CA GLU B 55 -40.47 10.05 9.34
C GLU B 55 -40.32 10.46 10.80
N GLY B 56 -40.91 9.67 11.70
CA GLY B 56 -40.96 10.01 13.12
C GLY B 56 -39.70 9.63 13.89
N PRO B 57 -39.64 9.99 15.19
CA PRO B 57 -38.50 9.68 16.07
C PRO B 57 -38.05 8.22 16.06
N GLU B 58 -39.00 7.29 15.94
CA GLU B 58 -38.68 5.86 16.00
C GLU B 58 -37.81 5.40 14.82
N TYR B 59 -38.11 5.91 13.63
CA TYR B 59 -37.29 5.65 12.44
C TYR B 59 -35.83 6.11 12.68
N TRP B 60 -35.66 7.38 13.03
CA TRP B 60 -34.33 7.96 13.22
C TRP B 60 -33.55 7.28 14.33
N GLU B 61 -34.22 6.98 15.45
CA GLU B 61 -33.60 6.20 16.52
C GLU B 61 -33.12 4.83 16.04
N ARG B 62 -33.98 4.08 15.37
CA ARG B 62 -33.67 2.73 14.92
C ARG B 62 -32.53 2.71 13.90
N GLU B 63 -32.57 3.63 12.95
CA GLU B 63 -31.52 3.72 11.93
C GLU B 63 -30.18 4.10 12.58
N THR B 64 -30.22 5.03 13.53
CA THR B 64 -29.03 5.46 14.24
C THR B 64 -28.38 4.32 15.00
N GLN B 65 -29.18 3.52 15.71
CA GLN B 65 -28.62 2.37 16.42
C GLN B 65 -28.08 1.32 15.45
N LYS B 66 -28.74 1.11 14.32
CA LYS B 66 -28.23 0.20 13.29
C LYS B 66 -26.88 0.68 12.72
N ALA B 67 -26.78 1.96 12.40
CA ALA B 67 -25.52 2.56 11.89
C ALA B 67 -24.39 2.47 12.92
N LYS B 68 -24.70 2.78 14.17
CA LYS B 68 -23.70 2.62 15.25
C LYS B 68 -23.15 1.20 15.35
N GLY B 69 -24.03 0.21 15.22
CA GLY B 69 -23.63 -1.19 15.17
C GLY B 69 -22.73 -1.51 13.98
N ASN B 70 -23.13 -1.04 12.81
CA ASN B 70 -22.32 -1.22 11.59
C ASN B 70 -20.96 -0.58 11.73
N GLU B 71 -20.93 0.65 12.25
CA GLU B 71 -19.66 1.33 12.52
C GLU B 71 -18.69 0.42 13.28
N GLN B 72 -19.18 -0.20 14.35
CA GLN B 72 -18.32 -1.02 15.18
C GLN B 72 -17.93 -2.33 14.48
N SER B 73 -18.79 -2.88 13.63
CA SER B 73 -18.44 -4.06 12.82
CA SER B 73 -18.41 -4.06 12.86
C SER B 73 -17.29 -3.73 11.87
N PHE B 74 -17.35 -2.53 11.27
CA PHE B 74 -16.29 -2.13 10.31
C PHE B 74 -14.97 -1.78 10.98
N ARG B 75 -15.03 -1.29 12.23
CA ARG B 75 -13.81 -1.11 13.02
C ARG B 75 -13.07 -2.44 13.16
N VAL B 76 -13.82 -3.49 13.44
CA VAL B 76 -13.26 -4.84 13.56
C VAL B 76 -12.70 -5.30 12.19
N ASP B 77 -13.49 -5.11 11.13
CA ASP B 77 -13.09 -5.50 9.76
C ASP B 77 -11.79 -4.83 9.31
N LEU B 78 -11.61 -3.56 9.67
CA LEU B 78 -10.35 -2.88 9.37
C LEU B 78 -9.18 -3.61 9.98
N ARG B 79 -9.31 -4.00 11.25
CA ARG B 79 -8.31 -4.77 11.96
C ARG B 79 -8.10 -6.15 11.33
N THR B 80 -9.19 -6.83 10.96
CA THR B 80 -9.11 -8.14 10.30
C THR B 80 -8.28 -8.09 9.01
N LEU B 81 -8.55 -7.09 8.17
CA LEU B 81 -7.84 -6.98 6.89
C LEU B 81 -6.35 -6.67 7.04
N LEU B 82 -5.97 -5.95 8.09
CA LEU B 82 -4.54 -5.80 8.40
C LEU B 82 -3.89 -7.16 8.59
N GLY B 83 -4.59 -8.10 9.21
CA GLY B 83 -4.12 -9.48 9.32
C GLY B 83 -4.05 -10.20 7.99
N TYR B 84 -5.15 -10.17 7.23
CA TYR B 84 -5.22 -10.85 5.92
C TYR B 84 -4.11 -10.47 4.94
N TYR B 85 -3.79 -9.18 4.89
CA TYR B 85 -2.76 -8.66 3.97
C TYR B 85 -1.39 -8.49 4.61
N ASN B 86 -1.23 -8.94 5.86
CA ASN B 86 0.01 -8.69 6.63
C ASN B 86 0.45 -7.22 6.61
N GLN B 87 -0.49 -6.31 6.89
CA GLN B 87 -0.19 -4.87 6.94
C GLN B 87 0.01 -4.34 8.35
N SER B 88 0.76 -3.24 8.45
CA SER B 88 1.07 -2.60 9.74
C SER B 88 -0.14 -1.88 10.36
N LYS B 89 0.00 -1.52 11.63
CA LYS B 89 -1.03 -0.77 12.38
C LYS B 89 -0.82 0.75 12.30
N GLY B 90 0.21 1.19 11.58
CA GLY B 90 0.53 2.62 11.46
C GLY B 90 -0.07 3.36 10.27
N GLY B 91 -0.53 2.64 9.25
CA GLY B 91 -1.10 3.26 8.04
C GLY B 91 -2.62 3.38 8.06
N SER B 92 -3.14 4.35 7.31
CA SER B 92 -4.60 4.50 7.13
C SER B 92 -5.08 3.59 6.01
N HIS B 93 -6.25 2.95 6.20
CA HIS B 93 -6.87 2.12 5.17
C HIS B 93 -8.34 2.44 5.04
N THR B 94 -8.91 2.12 3.90
CA THR B 94 -10.32 2.42 3.63
C THR B 94 -11.09 1.20 3.17
N ILE B 95 -12.22 0.91 3.83
CA ILE B 95 -13.18 -0.07 3.33
C ILE B 95 -14.38 0.69 2.79
N GLN B 96 -14.89 0.28 1.63
CA GLN B 96 -16.09 0.85 1.11
C GLN B 96 -17.06 -0.27 0.76
N VAL B 97 -18.35 0.07 0.84
CA VAL B 97 -19.43 -0.83 0.47
C VAL B 97 -20.50 -0.11 -0.33
N ILE B 98 -21.04 -0.80 -1.35
CA ILE B 98 -22.26 -0.37 -2.03
C ILE B 98 -23.23 -1.55 -1.87
N SER B 99 -24.45 -1.21 -1.43
CA SER B 99 -25.44 -2.19 -1.05
C SER B 99 -26.81 -1.64 -1.39
N GLY B 100 -27.67 -2.47 -1.99
CA GLY B 100 -29.01 -2.04 -2.28
C GLY B 100 -29.70 -2.80 -3.39
N CYS B 101 -30.86 -2.29 -3.76
CA CYS B 101 -31.76 -2.97 -4.69
C CYS B 101 -32.15 -2.02 -5.80
N GLU B 102 -32.26 -2.57 -7.00
CA GLU B 102 -32.75 -1.86 -8.17
C GLU B 102 -34.02 -2.58 -8.66
N VAL B 103 -35.13 -1.85 -8.77
CA VAL B 103 -36.44 -2.43 -9.16
C VAL B 103 -36.98 -1.83 -10.46
N GLY B 104 -37.62 -2.67 -11.29
CA GLY B 104 -38.25 -2.20 -12.52
C GLY B 104 -39.49 -1.37 -12.27
N SER B 105 -40.01 -0.76 -13.33
CA SER B 105 -41.29 -0.03 -13.27
C SER B 105 -42.43 -0.93 -12.80
N ASP B 106 -42.33 -2.23 -13.06
CA ASP B 106 -43.33 -3.21 -12.62
C ASP B 106 -43.20 -3.67 -11.15
N GLY B 107 -42.27 -3.07 -10.38
CA GLY B 107 -42.04 -3.47 -8.98
C GLY B 107 -41.16 -4.69 -8.78
N ARG B 108 -40.68 -5.30 -9.86
CA ARG B 108 -39.82 -6.49 -9.78
C ARG B 108 -38.39 -6.11 -9.51
N LEU B 109 -37.69 -6.93 -8.72
CA LEU B 109 -36.26 -6.73 -8.48
C LEU B 109 -35.43 -7.04 -9.73
N LEU B 110 -34.76 -6.03 -10.27
CA LEU B 110 -33.84 -6.19 -11.40
C LEU B 110 -32.43 -6.59 -10.96
N ARG B 111 -31.92 -5.95 -9.90
CA ARG B 111 -30.57 -6.25 -9.38
C ARG B 111 -30.47 -5.98 -7.88
N GLY B 112 -29.87 -6.92 -7.14
CA GLY B 112 -29.52 -6.73 -5.72
C GLY B 112 -28.01 -6.62 -5.56
N TYR B 113 -27.52 -5.58 -4.87
CA TYR B 113 -26.06 -5.31 -4.75
C TYR B 113 -25.53 -5.49 -3.36
N GLN B 114 -24.36 -6.11 -3.25
CA GLN B 114 -23.50 -5.99 -2.06
C GLN B 114 -22.04 -6.13 -2.48
N GLN B 115 -21.35 -4.99 -2.67
CA GLN B 115 -19.96 -5.02 -3.16
C GLN B 115 -19.05 -4.25 -2.20
N TYR B 116 -17.88 -4.82 -1.93
CA TYR B 116 -16.89 -4.28 -1.01
C TYR B 116 -15.63 -3.92 -1.79
N ALA B 117 -14.92 -2.91 -1.29
CA ALA B 117 -13.63 -2.50 -1.79
C ALA B 117 -12.70 -2.23 -0.63
N TYR B 118 -11.42 -2.51 -0.82
CA TYR B 118 -10.39 -2.20 0.16
C TYR B 118 -9.32 -1.37 -0.53
N ASP B 119 -8.99 -0.24 0.08
CA ASP B 119 -8.05 0.72 -0.49
C ASP B 119 -8.24 1.01 -1.99
N GLY B 120 -9.49 1.17 -2.40
CA GLY B 120 -9.84 1.64 -3.73
C GLY B 120 -9.95 0.54 -4.80
N CYS B 121 -9.70 -0.71 -4.38
CA CYS B 121 -9.78 -1.90 -5.26
C CYS B 121 -10.87 -2.87 -4.83
N ASP B 122 -11.62 -3.39 -5.81
CA ASP B 122 -12.58 -4.47 -5.57
C ASP B 122 -12.05 -5.54 -4.62
N TYR B 123 -12.89 -5.99 -3.69
CA TYR B 123 -12.48 -6.98 -2.70
C TYR B 123 -13.37 -8.21 -2.82
N ILE B 124 -14.66 -8.05 -2.57
CA ILE B 124 -15.63 -9.16 -2.68
C ILE B 124 -16.96 -8.60 -3.10
N ALA B 125 -17.75 -9.41 -3.82
CA ALA B 125 -19.05 -8.99 -4.27
C ALA B 125 -20.03 -10.16 -4.33
N LEU B 126 -21.28 -9.88 -3.96
CA LEU B 126 -22.34 -10.85 -4.04
C LEU B 126 -22.77 -10.91 -5.50
N ASN B 127 -22.67 -12.10 -6.10
CA ASN B 127 -23.06 -12.30 -7.50
C ASN B 127 -24.56 -12.12 -7.68
N GLU B 128 -25.04 -11.97 -8.91
CA GLU B 128 -26.47 -11.70 -9.12
C GLU B 128 -27.38 -12.87 -8.73
N ASP B 129 -26.87 -14.10 -8.74
CA ASP B 129 -27.65 -15.23 -8.22
C ASP B 129 -28.02 -15.06 -6.72
N LEU B 130 -27.32 -14.17 -6.01
CA LEU B 130 -27.54 -13.88 -4.58
C LEU B 130 -27.30 -15.11 -3.69
N LYS B 131 -26.44 -16.01 -4.16
CA LYS B 131 -26.05 -17.22 -3.45
C LYS B 131 -24.53 -17.46 -3.44
N THR B 132 -23.79 -16.90 -4.41
CA THR B 132 -22.34 -17.09 -4.51
C THR B 132 -21.57 -15.75 -4.55
N TRP B 133 -20.27 -15.83 -4.26
CA TRP B 133 -19.38 -14.67 -4.12
C TRP B 133 -18.22 -14.72 -5.09
N THR B 134 -17.90 -13.57 -5.67
CA THR B 134 -16.66 -13.39 -6.44
C THR B 134 -15.68 -12.65 -5.56
N ALA B 135 -14.57 -13.32 -5.24
CA ALA B 135 -13.42 -12.69 -4.59
C ALA B 135 -12.52 -12.05 -5.66
N ALA B 136 -12.04 -10.84 -5.39
CA ALA B 136 -11.16 -10.14 -6.34
C ALA B 136 -9.70 -10.45 -6.11
N ASP B 137 -9.35 -10.96 -4.94
CA ASP B 137 -7.99 -11.36 -4.64
C ASP B 137 -8.03 -12.49 -3.61
N MET B 138 -6.87 -12.99 -3.23
CA MET B 138 -6.78 -14.15 -2.34
C MET B 138 -7.25 -13.86 -0.91
N ALA B 139 -7.07 -12.62 -0.44
CA ALA B 139 -7.55 -12.24 0.89
C ALA B 139 -9.05 -12.37 0.97
N ALA B 140 -9.74 -11.93 -0.08
CA ALA B 140 -11.19 -12.06 -0.17
C ALA B 140 -11.72 -13.50 -0.30
N LEU B 141 -10.86 -14.45 -0.66
CA LEU B 141 -11.23 -15.87 -0.63
C LEU B 141 -11.46 -16.35 0.79
N ILE B 142 -10.67 -15.83 1.74
CA ILE B 142 -10.84 -16.14 3.15
C ILE B 142 -12.21 -15.68 3.61
N THR B 143 -12.55 -14.43 3.32
CA THR B 143 -13.89 -13.90 3.60
C THR B 143 -14.98 -14.71 2.91
N LYS B 144 -14.75 -15.07 1.65
CA LYS B 144 -15.72 -15.86 0.89
C LYS B 144 -15.97 -17.23 1.57
N HIS B 145 -14.90 -17.91 1.97
CA HIS B 145 -15.00 -19.20 2.63
C HIS B 145 -15.68 -19.09 3.99
N LYS B 146 -15.30 -18.08 4.78
CA LYS B 146 -15.97 -17.78 6.05
C LYS B 146 -17.46 -17.50 5.86
N TRP B 147 -17.81 -16.77 4.80
CA TRP B 147 -19.19 -16.41 4.54
C TRP B 147 -20.02 -17.53 3.94
N GLU B 148 -19.41 -18.41 3.15
CA GLU B 148 -20.12 -19.59 2.63
C GLU B 148 -20.58 -20.48 3.80
N GLN B 149 -19.66 -20.72 4.74
CA GLN B 149 -19.94 -21.51 5.94
C GLN B 149 -20.87 -20.85 6.98
N ALA B 150 -21.06 -19.53 6.93
CA ALA B 150 -21.92 -18.81 7.89
C ALA B 150 -23.29 -18.44 7.35
N GLY B 151 -23.59 -18.82 6.10
CA GLY B 151 -24.86 -18.48 5.45
C GLY B 151 -25.12 -17.00 5.23
N GLU B 152 -24.06 -16.22 5.03
CA GLU B 152 -24.17 -14.77 4.80
C GLU B 152 -24.99 -14.43 3.54
N ALA B 153 -24.83 -15.21 2.47
CA ALA B 153 -25.51 -14.92 1.20
C ALA B 153 -27.04 -14.98 1.30
N GLU B 154 -27.55 -16.01 1.99
CA GLU B 154 -28.99 -16.16 2.19
C GLU B 154 -29.57 -15.01 3.02
N ARG B 155 -28.84 -14.60 4.05
CA ARG B 155 -29.23 -13.43 4.87
C ARG B 155 -29.33 -12.15 4.02
N LEU B 156 -28.34 -11.91 3.18
CA LEU B 156 -28.37 -10.75 2.28
C LEU B 156 -29.53 -10.83 1.28
N ARG B 157 -29.79 -12.02 0.76
CA ARG B 157 -30.85 -12.20 -0.23
C ARG B 157 -32.22 -11.80 0.31
N ALA B 158 -32.50 -12.19 1.55
CA ALA B 158 -33.79 -11.89 2.21
C ALA B 158 -34.02 -10.38 2.36
N TYR B 159 -32.97 -9.65 2.71
CA TYR B 159 -33.05 -8.17 2.82
C TYR B 159 -33.29 -7.51 1.46
N LEU B 160 -32.54 -7.94 0.44
CA LEU B 160 -32.57 -7.27 -0.88
C LEU B 160 -33.88 -7.52 -1.61
N GLU B 161 -34.38 -8.75 -1.53
CA GLU B 161 -35.66 -9.12 -2.15
C GLU B 161 -36.85 -8.57 -1.35
N GLY B 162 -36.71 -8.54 -0.03
CA GLY B 162 -37.80 -8.15 0.86
C GLY B 162 -37.73 -6.72 1.34
N THR B 163 -37.13 -6.54 2.52
CA THR B 163 -37.01 -5.24 3.19
C THR B 163 -36.65 -4.10 2.24
N CYS B 164 -35.58 -4.30 1.46
CA CYS B 164 -35.07 -3.26 0.56
C CYS B 164 -36.13 -2.71 -0.40
N VAL B 165 -36.83 -3.60 -1.08
CA VAL B 165 -37.86 -3.21 -2.06
C VAL B 165 -39.02 -2.49 -1.37
N GLU B 166 -39.41 -2.97 -0.19
CA GLU B 166 -40.54 -2.40 0.54
C GLU B 166 -40.26 -0.97 0.98
N TRP B 167 -39.05 -0.73 1.50
CA TRP B 167 -38.66 0.62 1.90
C TRP B 167 -38.54 1.56 0.69
N LEU B 168 -37.96 1.06 -0.40
CA LEU B 168 -37.87 1.84 -1.64
C LEU B 168 -39.27 2.35 -2.01
N ARG B 169 -40.24 1.44 -2.13
CA ARG B 169 -41.63 1.85 -2.43
C ARG B 169 -42.13 2.94 -1.48
N ARG B 170 -41.84 2.78 -0.19
CA ARG B 170 -42.23 3.79 0.81
C ARG B 170 -41.59 5.17 0.57
N TYR B 171 -40.28 5.18 0.32
CA TYR B 171 -39.54 6.44 0.04
C TYR B 171 -40.01 7.10 -1.27
N LEU B 172 -40.21 6.30 -2.31
CA LEU B 172 -40.75 6.79 -3.60
C LEU B 172 -42.09 7.49 -3.42
N LYS B 173 -42.99 6.91 -2.63
CA LYS B 173 -44.31 7.50 -2.37
C LYS B 173 -44.23 8.90 -1.75
N ASN B 174 -43.26 9.11 -0.85
CA ASN B 174 -43.11 10.39 -0.15
C ASN B 174 -42.19 11.40 -0.87
N GLY B 175 -41.25 10.89 -1.65
CA GLY B 175 -40.29 11.73 -2.41
C GLY B 175 -40.57 11.87 -3.90
N ASN B 176 -41.62 11.24 -4.41
CA ASN B 176 -41.93 11.19 -5.85
C ASN B 176 -41.83 12.55 -6.54
N ALA B 177 -42.40 13.58 -5.91
CA ALA B 177 -42.47 14.92 -6.49
C ALA B 177 -41.10 15.60 -6.57
N THR B 178 -40.26 15.37 -5.56
CA THR B 178 -38.88 15.86 -5.57
C THR B 178 -37.98 15.03 -6.50
N LEU B 179 -38.19 13.71 -6.57
CA LEU B 179 -37.41 12.86 -7.46
C LEU B 179 -37.67 13.08 -8.96
N LEU B 180 -38.83 13.63 -9.30
CA LEU B 180 -39.16 13.97 -10.69
C LEU B 180 -38.55 15.28 -11.16
N ARG B 181 -38.10 16.12 -10.22
CA ARG B 181 -37.51 17.41 -10.50
C ARG B 181 -36.67 17.41 -11.80
N THR B 182 -37.03 18.32 -12.69
CA THR B 182 -36.30 18.56 -13.92
C THR B 182 -36.14 20.06 -14.02
N ASP B 183 -34.91 20.51 -14.22
CA ASP B 183 -34.64 21.91 -14.52
C ASP B 183 -33.93 21.94 -15.87
N SER B 184 -34.53 22.63 -16.84
CA SER B 184 -33.97 22.69 -18.18
C SER B 184 -32.75 23.64 -18.18
N PRO B 185 -31.75 23.35 -19.02
CA PRO B 185 -30.61 24.25 -19.03
C PRO B 185 -30.93 25.59 -19.67
N LYS B 186 -30.29 26.62 -19.15
CA LYS B 186 -30.27 27.93 -19.78
C LYS B 186 -28.91 28.00 -20.47
N ALA B 187 -28.91 28.29 -21.77
CA ALA B 187 -27.68 28.29 -22.54
C ALA B 187 -27.32 29.64 -23.11
N HIS B 188 -26.02 29.84 -23.31
CA HIS B 188 -25.50 31.02 -24.01
C HIS B 188 -24.13 30.74 -24.59
N VAL B 189 -23.72 31.60 -25.51
CA VAL B 189 -22.40 31.49 -26.11
C VAL B 189 -21.53 32.67 -25.73
N THR B 190 -20.28 32.40 -25.36
CA THR B 190 -19.29 33.46 -25.15
C THR B 190 -18.19 33.43 -26.18
N HIS B 191 -17.52 34.56 -26.34
CA HIS B 191 -16.59 34.82 -27.41
C HIS B 191 -15.29 35.30 -26.77
N HIS B 192 -14.18 34.69 -27.15
CA HIS B 192 -12.85 35.02 -26.58
C HIS B 192 -11.78 35.04 -27.64
N SER B 193 -10.84 35.99 -27.51
CA SER B 193 -9.71 36.11 -28.46
C SER B 193 -8.74 34.93 -28.39
N ARG B 194 -8.15 34.60 -29.53
CA ARG B 194 -7.05 33.65 -29.63
C ARG B 194 -5.92 34.31 -30.41
N PRO B 195 -4.72 33.70 -30.42
CA PRO B 195 -3.67 34.32 -31.22
C PRO B 195 -4.01 34.35 -32.72
N GLU B 196 -3.53 35.38 -33.39
CA GLU B 196 -3.73 35.54 -34.83
C GLU B 196 -5.23 35.62 -35.15
N ASP B 197 -5.66 34.87 -36.16
CA ASP B 197 -6.97 35.07 -36.77
C ASP B 197 -7.97 34.05 -36.28
N LYS B 198 -7.89 33.69 -35.00
CA LYS B 198 -8.76 32.64 -34.42
C LYS B 198 -9.51 33.20 -33.23
N VAL B 199 -10.68 32.62 -32.97
CA VAL B 199 -11.46 32.96 -31.78
C VAL B 199 -12.02 31.69 -31.16
N THR B 200 -12.23 31.74 -29.86
CA THR B 200 -12.84 30.65 -29.12
C THR B 200 -14.31 30.98 -28.90
N LEU B 201 -15.18 30.05 -29.30
CA LEU B 201 -16.59 30.11 -28.93
C LEU B 201 -16.86 29.08 -27.86
N ARG B 202 -17.52 29.48 -26.78
CA ARG B 202 -17.77 28.58 -25.64
C ARG B 202 -19.26 28.56 -25.41
N CYS B 203 -19.84 27.36 -25.55
CA CYS B 203 -21.25 27.14 -25.38
C CYS B 203 -21.47 26.65 -23.97
N TRP B 204 -22.22 27.43 -23.18
CA TRP B 204 -22.50 27.15 -21.80
C TRP B 204 -23.91 26.64 -21.61
N ALA B 205 -24.07 25.67 -20.70
CA ALA B 205 -25.36 25.32 -20.15
C ALA B 205 -25.28 25.44 -18.65
N LEU B 206 -26.27 26.14 -18.08
CA LEU B 206 -26.32 26.41 -16.66
C LEU B 206 -27.69 26.07 -16.07
N GLY B 207 -27.71 25.85 -14.76
CA GLY B 207 -28.95 25.69 -14.00
C GLY B 207 -29.75 24.43 -14.26
N PHE B 208 -29.14 23.39 -14.79
CA PHE B 208 -29.91 22.22 -15.18
C PHE B 208 -29.85 21.12 -14.12
N TYR B 209 -30.85 20.26 -14.17
CA TYR B 209 -30.98 19.10 -13.29
C TYR B 209 -31.93 18.12 -13.96
N PRO B 210 -31.61 16.83 -14.00
CA PRO B 210 -30.39 16.19 -13.46
C PRO B 210 -29.15 16.51 -14.30
N ALA B 211 -28.02 15.93 -13.90
CA ALA B 211 -26.71 16.30 -14.46
C ALA B 211 -26.46 15.83 -15.89
N ASP B 212 -27.16 14.77 -16.32
CA ASP B 212 -26.95 14.21 -17.66
C ASP B 212 -27.28 15.26 -18.69
N ILE B 213 -26.34 15.50 -19.61
CA ILE B 213 -26.50 16.49 -20.68
C ILE B 213 -25.49 16.23 -21.77
N THR B 214 -25.77 16.75 -22.97
CA THR B 214 -24.82 16.69 -24.07
C THR B 214 -24.78 18.04 -24.77
N LEU B 215 -23.57 18.55 -24.99
CA LEU B 215 -23.33 19.74 -25.79
C LEU B 215 -22.52 19.35 -26.99
N THR B 216 -22.89 19.85 -28.16
CA THR B 216 -22.11 19.64 -29.38
C THR B 216 -21.96 20.95 -30.13
N TRP B 217 -20.94 20.98 -30.97
CA TRP B 217 -20.74 22.03 -31.94
C TRP B 217 -20.81 21.41 -33.31
N GLN B 218 -21.43 22.14 -34.24
CA GLN B 218 -21.52 21.69 -35.63
C GLN B 218 -21.10 22.78 -36.57
N LEU B 219 -20.55 22.36 -37.70
CA LEU B 219 -20.24 23.23 -38.80
C LEU B 219 -20.73 22.51 -40.05
N ASN B 220 -21.56 23.18 -40.85
CA ASN B 220 -22.03 22.62 -42.12
C ASN B 220 -22.67 21.25 -41.90
N GLY B 221 -23.46 21.14 -40.83
CA GLY B 221 -24.18 19.93 -40.48
C GLY B 221 -23.39 18.74 -39.94
N GLU B 222 -22.11 18.90 -39.60
CA GLU B 222 -21.29 17.81 -39.04
C GLU B 222 -20.78 18.18 -37.65
N GLU B 223 -20.85 17.24 -36.70
CA GLU B 223 -20.34 17.48 -35.33
C GLU B 223 -18.82 17.54 -35.27
N LEU B 224 -18.31 18.51 -34.51
CA LEU B 224 -16.88 18.74 -34.37
C LEU B 224 -16.38 18.02 -33.11
N ILE B 225 -15.98 16.77 -33.27
CA ILE B 225 -15.63 15.90 -32.14
C ILE B 225 -14.16 16.04 -31.75
N GLN B 226 -13.29 16.03 -32.75
CA GLN B 226 -11.83 16.03 -32.55
C GLN B 226 -11.23 17.30 -31.93
N ASP B 227 -11.74 18.47 -32.31
CA ASP B 227 -11.14 19.76 -31.88
C ASP B 227 -11.95 20.53 -30.81
N MET B 228 -13.08 19.97 -30.38
CA MET B 228 -13.89 20.56 -29.34
C MET B 228 -13.28 20.28 -27.96
N GLU B 229 -13.29 21.28 -27.07
CA GLU B 229 -12.86 21.11 -25.67
C GLU B 229 -14.11 21.11 -24.80
N LEU B 230 -14.13 20.25 -23.79
CA LEU B 230 -15.32 19.96 -22.99
C LEU B 230 -14.85 19.97 -21.54
N VAL B 231 -15.64 20.48 -20.61
CA VAL B 231 -15.38 20.22 -19.19
C VAL B 231 -16.34 19.13 -18.69
N GLU B 232 -15.90 18.40 -17.68
CA GLU B 232 -16.79 17.47 -17.00
C GLU B 232 -17.91 18.28 -16.34
N THR B 233 -19.11 17.72 -16.36
CA THR B 233 -20.26 18.35 -15.74
C THR B 233 -20.00 18.53 -14.26
N ARG B 234 -20.36 19.68 -13.73
CA ARG B 234 -19.98 20.09 -12.40
C ARG B 234 -21.13 20.76 -11.66
N PRO B 235 -21.16 20.63 -10.32
CA PRO B 235 -22.23 21.25 -9.53
C PRO B 235 -22.01 22.74 -9.33
N ALA B 236 -23.07 23.52 -9.48
CA ALA B 236 -23.03 24.93 -9.15
C ALA B 236 -23.00 25.16 -7.64
N GLY B 237 -23.48 24.18 -6.88
CA GLY B 237 -23.50 24.22 -5.42
C GLY B 237 -24.86 24.54 -4.85
N ASP B 238 -25.84 24.79 -5.73
CA ASP B 238 -27.22 25.10 -5.35
C ASP B 238 -28.20 24.00 -5.72
N GLY B 239 -27.68 22.84 -6.14
CA GLY B 239 -28.46 21.71 -6.59
C GLY B 239 -28.52 21.54 -8.10
N THR B 240 -28.08 22.55 -8.84
CA THR B 240 -28.07 22.52 -10.29
C THR B 240 -26.65 22.27 -10.81
N PHE B 241 -26.53 22.08 -12.12
CA PHE B 241 -25.25 21.72 -12.73
C PHE B 241 -24.90 22.66 -13.87
N GLN B 242 -23.63 22.58 -14.27
CA GLN B 242 -23.06 23.40 -15.32
C GLN B 242 -22.21 22.54 -16.25
N LYS B 243 -22.10 22.98 -17.48
CA LYS B 243 -21.19 22.36 -18.43
C LYS B 243 -20.89 23.36 -19.52
N TRP B 244 -19.72 23.24 -20.15
CA TRP B 244 -19.47 23.98 -21.38
C TRP B 244 -18.68 23.17 -22.39
N ALA B 245 -18.81 23.58 -23.65
CA ALA B 245 -18.04 23.03 -24.76
C ALA B 245 -17.55 24.16 -25.60
N SER B 246 -16.27 24.13 -25.98
CA SER B 246 -15.72 25.20 -26.82
C SER B 246 -15.08 24.68 -28.10
N VAL B 247 -15.02 25.56 -29.10
CA VAL B 247 -14.30 25.32 -30.33
C VAL B 247 -13.53 26.55 -30.76
N VAL B 248 -12.42 26.33 -31.45
CA VAL B 248 -11.63 27.41 -32.00
C VAL B 248 -12.03 27.57 -33.46
N VAL B 249 -12.41 28.79 -33.83
CA VAL B 249 -12.92 29.06 -35.17
C VAL B 249 -12.22 30.27 -35.79
N PRO B 250 -12.29 30.38 -37.14
CA PRO B 250 -11.73 31.55 -37.78
C PRO B 250 -12.44 32.86 -37.42
N LEU B 251 -11.65 33.89 -37.20
CA LEU B 251 -12.20 35.21 -36.98
C LEU B 251 -13.08 35.59 -38.16
N GLY B 252 -14.28 36.06 -37.86
CA GLY B 252 -15.22 36.46 -38.91
C GLY B 252 -16.14 35.36 -39.41
N LYS B 253 -15.95 34.12 -38.95
CA LYS B 253 -16.80 32.99 -39.33
C LYS B 253 -17.56 32.39 -38.15
N GLU B 254 -17.67 33.17 -37.07
CA GLU B 254 -18.32 32.68 -35.85
C GLU B 254 -19.75 32.23 -36.10
N GLN B 255 -20.46 32.96 -36.92
CA GLN B 255 -21.88 32.65 -37.13
C GLN B 255 -22.13 31.42 -38.02
N TYR B 256 -21.07 30.78 -38.52
CA TYR B 256 -21.20 29.54 -39.31
C TYR B 256 -21.25 28.28 -38.42
N TYR B 257 -21.04 28.47 -37.11
CA TYR B 257 -20.98 27.36 -36.16
C TYR B 257 -22.22 27.36 -35.29
N THR B 258 -22.71 26.14 -34.96
CA THR B 258 -23.92 25.98 -34.17
C THR B 258 -23.69 25.08 -32.98
N CYS B 259 -24.08 25.56 -31.80
CA CYS B 259 -24.07 24.77 -30.58
C CYS B 259 -25.44 24.11 -30.41
N HIS B 260 -25.43 22.82 -30.06
CA HIS B 260 -26.65 22.10 -29.72
C HIS B 260 -26.57 21.63 -28.27
N VAL B 261 -27.65 21.85 -27.53
CA VAL B 261 -27.80 21.38 -26.15
C VAL B 261 -28.94 20.35 -26.06
N TYR B 262 -28.62 19.15 -25.58
CA TYR B 262 -29.58 18.05 -25.43
C TYR B 262 -29.76 17.75 -23.95
N HIS B 263 -30.99 17.86 -23.47
CA HIS B 263 -31.29 17.60 -22.05
C HIS B 263 -32.71 17.05 -21.94
N GLN B 264 -32.94 16.16 -20.97
CA GLN B 264 -34.29 15.56 -20.80
C GLN B 264 -35.38 16.56 -20.45
N GLY B 265 -34.99 17.72 -19.93
CA GLY B 265 -35.89 18.80 -19.60
C GLY B 265 -36.28 19.71 -20.74
N LEU B 266 -35.74 19.46 -21.93
CA LEU B 266 -36.04 20.27 -23.08
C LEU B 266 -37.09 19.57 -23.93
N PRO B 267 -38.17 20.29 -24.30
CA PRO B 267 -39.11 19.77 -25.31
C PRO B 267 -38.36 19.33 -26.55
N GLU B 268 -37.44 20.18 -26.99
CA GLU B 268 -36.53 19.85 -28.09
C GLU B 268 -35.18 20.52 -27.88
N PRO B 269 -34.11 19.96 -28.47
CA PRO B 269 -32.75 20.51 -28.20
C PRO B 269 -32.61 21.98 -28.54
N LEU B 270 -31.75 22.69 -27.79
CA LEU B 270 -31.50 24.09 -28.07
C LEU B 270 -30.47 24.19 -29.18
N THR B 271 -30.60 25.23 -29.98
CA THR B 271 -29.59 25.57 -30.98
C THR B 271 -29.22 27.01 -30.75
N LEU B 272 -27.92 27.29 -30.74
CA LEU B 272 -27.44 28.66 -30.46
C LEU B 272 -26.24 28.94 -31.34
N ARG B 273 -26.13 30.21 -31.75
CA ARG B 273 -24.96 30.70 -32.49
C ARG B 273 -24.50 32.02 -31.95
N TRP B 274 -23.24 32.33 -32.23
CA TRP B 274 -22.72 33.68 -32.00
C TRP B 274 -23.24 34.61 -33.11
N GLU B 275 -24.47 35.07 -32.93
CA GLU B 275 -25.12 36.00 -33.85
C GLU B 275 -26.37 36.53 -33.13
N PRO B 276 -26.76 37.80 -33.41
CA PRO B 276 -27.94 38.35 -32.73
C PRO B 276 -29.26 37.75 -33.23
N GLY C 1 -4.19 -2.34 -3.25
CA GLY C 1 -4.56 -0.90 -3.07
C GLY C 1 -4.01 0.02 -4.15
N ILE C 2 -4.77 1.03 -4.52
CA ILE C 2 -4.34 2.03 -5.49
C ILE C 2 -4.51 3.40 -4.93
N GLN C 3 -3.85 4.37 -5.55
CA GLN C 3 -4.12 5.77 -5.31
C GLN C 3 -4.55 6.39 -6.62
N LYS C 4 -5.48 7.34 -6.52
CA LYS C 4 -5.97 8.05 -7.67
C LYS C 4 -5.78 9.54 -7.44
N THR C 5 -5.28 10.21 -8.49
CA THR C 5 -4.93 11.62 -8.42
C THR C 5 -6.18 12.50 -8.59
N PRO C 6 -6.33 13.50 -7.72
CA PRO C 6 -7.53 14.32 -7.83
C PRO C 6 -7.58 15.15 -9.11
N GLN C 7 -8.80 15.28 -9.64
CA GLN C 7 -9.11 16.15 -10.76
C GLN C 7 -9.82 17.34 -10.19
N ILE C 8 -9.47 18.53 -10.68
CA ILE C 8 -9.86 19.79 -10.04
C ILE C 8 -10.46 20.73 -11.06
N GLN C 9 -11.58 21.35 -10.70
CA GLN C 9 -12.12 22.49 -11.48
C GLN C 9 -12.37 23.62 -10.51
N VAL C 10 -12.04 24.85 -10.93
CA VAL C 10 -12.25 26.04 -10.14
C VAL C 10 -13.13 26.96 -10.97
N TYR C 11 -14.25 27.41 -10.39
CA TYR C 11 -15.27 28.13 -11.18
C TYR C 11 -16.29 28.80 -10.28
N SER C 12 -17.00 29.77 -10.83
CA SER C 12 -18.00 30.49 -10.06
C SER C 12 -19.38 29.84 -10.22
N ARG C 13 -20.20 29.97 -9.18
CA ARG C 13 -21.55 29.43 -9.20
C ARG C 13 -22.34 30.10 -10.31
N HIS C 14 -22.16 31.41 -10.42
CA HIS C 14 -22.85 32.24 -11.39
C HIS C 14 -21.81 32.90 -12.28
N PRO C 15 -22.18 33.28 -13.53
CA PRO C 15 -21.27 34.03 -14.36
C PRO C 15 -20.74 35.26 -13.60
N PRO C 16 -19.41 35.45 -13.61
CA PRO C 16 -18.84 36.50 -12.77
C PRO C 16 -19.11 37.90 -13.30
N GLU C 17 -19.50 38.78 -12.39
CA GLU C 17 -19.73 40.19 -12.67
C GLU C 17 -18.92 40.98 -11.65
N ASN C 18 -18.04 41.85 -12.11
CA ASN C 18 -17.22 42.62 -11.17
C ASN C 18 -18.06 43.42 -10.20
N GLY C 19 -17.78 43.29 -8.91
CA GLY C 19 -18.51 43.99 -7.85
C GLY C 19 -19.77 43.29 -7.34
N LYS C 20 -20.18 42.18 -7.98
CA LYS C 20 -21.39 41.47 -7.58
C LYS C 20 -21.01 40.22 -6.77
N PRO C 21 -21.52 40.07 -5.53
CA PRO C 21 -21.24 38.85 -4.77
C PRO C 21 -21.60 37.55 -5.50
N ASN C 22 -20.83 36.51 -5.21
CA ASN C 22 -20.89 35.24 -5.94
C ASN C 22 -20.29 34.19 -5.01
N ILE C 23 -20.19 32.97 -5.50
CA ILE C 23 -19.58 31.87 -4.79
C ILE C 23 -18.51 31.29 -5.71
N LEU C 24 -17.30 31.08 -5.18
CA LEU C 24 -16.24 30.39 -5.93
C LEU C 24 -16.16 28.96 -5.46
N ASN C 25 -16.20 28.03 -6.42
CA ASN C 25 -16.19 26.61 -6.17
C ASN C 25 -14.84 26.00 -6.53
N CYS C 26 -14.43 25.01 -5.75
CA CYS C 26 -13.33 24.12 -6.12
C CYS C 26 -13.87 22.70 -6.02
N TYR C 27 -14.10 22.09 -7.17
CA TYR C 27 -14.70 20.76 -7.27
C TYR C 27 -13.59 19.76 -7.49
N VAL C 28 -13.47 18.84 -6.56
CA VAL C 28 -12.35 17.90 -6.57
C VAL C 28 -12.91 16.50 -6.64
N THR C 29 -12.45 15.72 -7.62
CA THR C 29 -13.04 14.44 -7.98
C THR C 29 -11.99 13.36 -8.26
N GLN C 30 -12.46 12.14 -8.31
CA GLN C 30 -11.68 11.00 -8.77
C GLN C 30 -10.43 10.70 -7.95
N PHE C 31 -10.49 10.92 -6.64
CA PHE C 31 -9.32 10.70 -5.80
C PHE C 31 -9.49 9.55 -4.81
N HIS C 32 -8.37 8.98 -4.39
CA HIS C 32 -8.32 7.89 -3.43
C HIS C 32 -6.86 7.83 -2.95
N PRO C 33 -6.60 7.80 -1.62
CA PRO C 33 -7.50 7.69 -0.48
C PRO C 33 -8.34 8.95 -0.22
N PRO C 34 -9.33 8.87 0.68
CA PRO C 34 -10.23 10.02 0.92
C PRO C 34 -9.61 11.22 1.66
N HIS C 35 -8.53 11.01 2.40
CA HIS C 35 -7.90 12.13 3.09
C HIS C 35 -7.39 13.09 2.04
N ILE C 36 -7.79 14.35 2.15
CA ILE C 36 -7.36 15.40 1.22
C ILE C 36 -7.34 16.74 1.94
N GLU C 37 -6.47 17.65 1.50
CA GLU C 37 -6.40 19.00 2.06
C GLU C 37 -6.65 19.95 0.89
N ILE C 38 -7.67 20.77 1.02
CA ILE C 38 -8.08 21.70 -0.04
C ILE C 38 -8.06 23.10 0.58
N GLN C 39 -7.33 24.02 -0.06
CA GLN C 39 -7.32 25.43 0.32
C GLN C 39 -7.75 26.25 -0.87
N MET C 40 -8.36 27.39 -0.61
CA MET C 40 -8.57 28.39 -1.65
C MET C 40 -7.75 29.63 -1.32
N LEU C 41 -7.17 30.26 -2.35
CA LEU C 41 -6.19 31.34 -2.18
C LEU C 41 -6.65 32.57 -2.95
N LYS C 42 -6.58 33.74 -2.33
CA LYS C 42 -6.81 35.01 -2.99
C LYS C 42 -5.50 35.79 -3.06
N ASN C 43 -5.03 36.11 -4.26
CA ASN C 43 -3.78 36.84 -4.45
C ASN C 43 -2.62 36.23 -3.67
N GLY C 44 -2.58 34.89 -3.64
CA GLY C 44 -1.49 34.15 -3.03
C GLY C 44 -1.70 33.78 -1.57
N LYS C 45 -2.74 34.33 -0.94
CA LYS C 45 -2.96 34.12 0.48
C LYS C 45 -4.20 33.27 0.75
N LYS C 46 -4.06 32.33 1.67
CA LYS C 46 -5.15 31.45 2.07
C LYS C 46 -6.40 32.21 2.46
N ILE C 47 -7.56 31.74 1.99
CA ILE C 47 -8.85 32.32 2.36
C ILE C 47 -9.34 31.56 3.61
N PRO C 48 -9.67 32.26 4.71
CA PRO C 48 -9.99 31.50 5.92
C PRO C 48 -11.33 30.76 5.90
N LYS C 49 -12.38 31.43 5.44
CA LYS C 49 -13.73 30.88 5.50
C LYS C 49 -14.04 30.07 4.23
N VAL C 50 -13.58 28.83 4.19
CA VAL C 50 -13.86 27.93 3.06
C VAL C 50 -14.70 26.80 3.59
N GLU C 51 -15.89 26.63 3.02
CA GLU C 51 -16.79 25.55 3.42
C GLU C 51 -16.56 24.34 2.54
N MET C 52 -16.77 23.17 3.12
CA MET C 52 -16.56 21.90 2.47
C MET C 52 -17.89 21.16 2.45
N SER C 53 -18.30 20.65 1.30
CA SER C 53 -19.44 19.73 1.28
C SER C 53 -19.08 18.42 1.99
N ASP C 54 -20.10 17.62 2.32
CA ASP C 54 -19.84 16.28 2.81
C ASP C 54 -19.21 15.49 1.69
N MET C 55 -18.34 14.56 2.04
CA MET C 55 -17.68 13.75 1.01
C MET C 55 -18.59 12.63 0.55
N SER C 56 -18.48 12.29 -0.73
CA SER C 56 -19.24 11.19 -1.35
C SER C 56 -18.27 10.36 -2.15
N PHE C 57 -18.70 9.20 -2.62
CA PHE C 57 -17.91 8.44 -3.60
C PHE C 57 -18.76 7.82 -4.69
N SER C 58 -18.10 7.50 -5.80
CA SER C 58 -18.75 7.00 -7.01
C SER C 58 -18.62 5.50 -7.14
N LYS C 59 -19.31 4.92 -8.12
CA LYS C 59 -19.32 3.47 -8.29
C LYS C 59 -17.95 2.89 -8.62
N ASP C 60 -17.00 3.70 -9.09
CA ASP C 60 -15.61 3.25 -9.27
C ASP C 60 -14.77 3.37 -8.00
N TRP C 61 -15.43 3.74 -6.89
CA TRP C 61 -14.85 3.85 -5.55
C TRP C 61 -14.14 5.19 -5.28
N SER C 62 -13.95 6.02 -6.30
CA SER C 62 -13.22 7.27 -6.11
C SER C 62 -14.13 8.33 -5.43
N PHE C 63 -13.51 9.23 -4.69
CA PHE C 63 -14.21 10.24 -3.89
C PHE C 63 -14.35 11.57 -4.62
N TYR C 64 -15.33 12.34 -4.18
CA TYR C 64 -15.51 13.68 -4.68
C TYR C 64 -16.07 14.59 -3.61
N ILE C 65 -15.77 15.86 -3.75
CA ILE C 65 -16.12 16.85 -2.74
C ILE C 65 -16.11 18.24 -3.36
N LEU C 66 -16.91 19.15 -2.81
CA LEU C 66 -17.00 20.53 -3.31
C LEU C 66 -16.60 21.49 -2.20
N ALA C 67 -15.51 22.22 -2.43
CA ALA C 67 -15.13 23.33 -1.55
C ALA C 67 -15.70 24.62 -2.13
N HIS C 68 -16.11 25.53 -1.25
CA HIS C 68 -16.64 26.79 -1.75
C HIS C 68 -16.48 27.92 -0.76
N THR C 69 -16.50 29.13 -1.29
CA THR C 69 -16.30 30.34 -0.49
C THR C 69 -17.02 31.50 -1.12
N GLU C 70 -17.54 32.41 -0.29
CA GLU C 70 -18.14 33.64 -0.80
C GLU C 70 -17.06 34.58 -1.34
N PHE C 71 -17.34 35.23 -2.47
CA PHE C 71 -16.41 36.22 -3.03
C PHE C 71 -17.11 37.21 -3.92
N THR C 72 -16.52 38.39 -4.03
CA THR C 72 -16.98 39.40 -4.97
C THR C 72 -15.83 39.63 -5.94
N PRO C 73 -15.95 39.11 -7.17
CA PRO C 73 -14.83 39.26 -8.11
C PRO C 73 -14.57 40.72 -8.47
N THR C 74 -13.32 41.03 -8.79
CA THR C 74 -12.94 42.33 -9.31
C THR C 74 -12.14 42.07 -10.55
N GLU C 75 -11.78 43.15 -11.24
CA GLU C 75 -11.05 42.99 -12.48
C GLU C 75 -9.68 42.32 -12.28
N THR C 76 -9.03 42.60 -11.15
CA THR C 76 -7.62 42.28 -10.96
C THR C 76 -7.32 41.22 -9.89
N ASP C 77 -8.27 40.84 -9.04
CA ASP C 77 -8.00 39.79 -8.02
C ASP C 77 -7.82 38.40 -8.65
N THR C 78 -6.84 37.65 -8.15
CA THR C 78 -6.53 36.32 -8.62
C THR C 78 -7.00 35.31 -7.59
N TYR C 79 -7.66 34.24 -8.03
CA TYR C 79 -8.09 33.17 -7.12
C TYR C 79 -7.56 31.83 -7.61
N ALA C 80 -7.29 30.93 -6.67
CA ALA C 80 -6.80 29.60 -6.97
C ALA C 80 -7.29 28.62 -5.91
N CYS C 81 -7.21 27.35 -6.27
CA CYS C 81 -7.50 26.25 -5.36
C CYS C 81 -6.25 25.40 -5.31
N ARG C 82 -5.79 25.06 -4.11
CA ARG C 82 -4.61 24.23 -3.96
C ARG C 82 -4.99 22.96 -3.23
N VAL C 83 -4.58 21.82 -3.77
CA VAL C 83 -4.96 20.53 -3.25
C VAL C 83 -3.70 19.75 -2.92
N LYS C 84 -3.67 19.22 -1.69
CA LYS C 84 -2.63 18.29 -1.25
C LYS C 84 -3.23 16.91 -1.01
N HIS C 85 -2.61 15.90 -1.62
CA HIS C 85 -3.13 14.54 -1.59
C HIS C 85 -1.94 13.59 -1.78
N ASP C 86 -2.01 12.41 -1.16
CA ASP C 86 -0.88 11.47 -1.15
C ASP C 86 -0.48 10.93 -2.52
N SER C 87 -1.40 10.96 -3.48
CA SER C 87 -1.09 10.53 -4.86
C SER C 87 -0.13 11.45 -5.61
N MET C 88 0.03 12.68 -5.14
CA MET C 88 0.88 13.68 -5.79
C MET C 88 2.06 14.05 -4.91
N ALA C 89 3.23 14.21 -5.54
CA ALA C 89 4.47 14.57 -4.83
C ALA C 89 4.42 15.94 -4.15
N GLU C 90 3.79 16.91 -4.84
CA GLU C 90 3.66 18.26 -4.31
C GLU C 90 2.20 18.72 -4.45
N PRO C 91 1.82 19.78 -3.72
CA PRO C 91 0.44 20.29 -3.86
C PRO C 91 0.17 20.81 -5.25
N LYS C 92 -1.06 20.62 -5.73
CA LYS C 92 -1.47 21.07 -7.06
C LYS C 92 -2.28 22.35 -6.92
N THR C 93 -1.88 23.40 -7.64
CA THR C 93 -2.57 24.68 -7.62
C THR C 93 -3.25 24.89 -8.99
N VAL C 94 -4.55 25.18 -8.98
CA VAL C 94 -5.31 25.48 -10.17
C VAL C 94 -5.90 26.87 -10.02
N TYR C 95 -5.65 27.73 -11.00
CA TYR C 95 -6.10 29.12 -10.99
C TYR C 95 -7.47 29.26 -11.59
N TRP C 96 -8.28 30.13 -10.99
CA TRP C 96 -9.57 30.49 -11.57
C TRP C 96 -9.40 31.27 -12.86
N ASP C 97 -10.03 30.76 -13.92
CA ASP C 97 -10.13 31.47 -15.19
C ASP C 97 -11.58 31.89 -15.30
N ARG C 98 -11.83 33.18 -15.27
CA ARG C 98 -13.20 33.68 -15.30
C ARG C 98 -13.98 33.35 -16.59
N ASP C 99 -13.28 32.93 -17.64
CA ASP C 99 -13.91 32.50 -18.89
C ASP C 99 -14.22 31.00 -18.94
N MET C 100 -13.98 30.28 -17.84
CA MET C 100 -14.14 28.83 -17.82
C MET C 100 -14.94 28.36 -16.64
N GLY D 1 37.14 -25.97 10.46
CA GLY D 1 36.05 -25.15 9.86
C GLY D 1 36.58 -24.19 8.82
N ILE D 2 35.76 -23.19 8.51
CA ILE D 2 36.08 -22.18 7.50
C ILE D 2 36.00 -20.78 8.09
N GLN D 3 36.61 -19.86 7.37
CA GLN D 3 36.43 -18.43 7.61
C GLN D 3 35.87 -17.87 6.32
N LYS D 4 34.87 -17.01 6.41
CA LYS D 4 34.33 -16.32 5.27
C LYS D 4 34.51 -14.83 5.51
N THR D 5 34.99 -14.12 4.48
CA THR D 5 35.29 -12.70 4.57
C THR D 5 34.02 -11.87 4.44
N PRO D 6 33.81 -10.92 5.35
CA PRO D 6 32.60 -10.10 5.24
C PRO D 6 32.54 -9.28 3.96
N GLN D 7 31.33 -9.19 3.40
CA GLN D 7 31.02 -8.30 2.29
C GLN D 7 30.29 -7.10 2.87
N ILE D 8 30.63 -5.91 2.40
CA ILE D 8 30.19 -4.68 3.07
C ILE D 8 29.54 -3.74 2.09
N GLN D 9 28.42 -3.13 2.45
CA GLN D 9 27.86 -2.04 1.67
C GLN D 9 27.57 -0.90 2.62
N VAL D 10 27.91 0.32 2.23
CA VAL D 10 27.61 1.50 3.01
C VAL D 10 26.72 2.40 2.18
N TYR D 11 25.59 2.82 2.75
CA TYR D 11 24.55 3.49 1.97
C TYR D 11 23.53 4.14 2.90
N SER D 12 22.79 5.12 2.38
CA SER D 12 21.75 5.79 3.18
C SER D 12 20.38 5.15 3.00
N ARG D 13 19.55 5.29 4.04
CA ARG D 13 18.19 4.78 4.00
C ARG D 13 17.37 5.53 2.94
N HIS D 14 17.50 6.85 2.93
CA HIS D 14 16.80 7.69 1.96
C HIS D 14 17.82 8.29 1.01
N PRO D 15 17.39 8.65 -0.23
CA PRO D 15 18.28 9.37 -1.11
C PRO D 15 18.83 10.61 -0.38
N PRO D 16 20.13 10.81 -0.46
CA PRO D 16 20.69 11.86 0.37
C PRO D 16 20.39 13.26 -0.16
N GLU D 17 20.12 14.17 0.75
CA GLU D 17 20.02 15.59 0.44
C GLU D 17 20.86 16.30 1.46
N ASN D 18 21.73 17.20 1.02
CA ASN D 18 22.59 17.93 1.94
C ASN D 18 21.78 18.72 2.98
N GLY D 19 22.10 18.53 4.26
CA GLY D 19 21.44 19.24 5.36
C GLY D 19 20.19 18.56 5.91
N LYS D 20 19.74 17.48 5.28
CA LYS D 20 18.53 16.77 5.70
C LYS D 20 18.86 15.50 6.50
N PRO D 21 18.36 15.37 7.75
CA PRO D 21 18.62 14.17 8.54
C PRO D 21 18.18 12.87 7.84
N ASN D 22 18.97 11.82 8.07
CA ASN D 22 18.87 10.58 7.30
C ASN D 22 19.47 9.51 8.21
N ILE D 23 19.60 8.30 7.67
CA ILE D 23 20.19 7.19 8.41
C ILE D 23 21.24 6.62 7.49
N LEU D 24 22.44 6.41 8.02
CA LEU D 24 23.51 5.75 7.28
C LEU D 24 23.60 4.29 7.72
N ASN D 25 23.57 3.39 6.73
CA ASN D 25 23.65 1.93 6.97
C ASN D 25 25.01 1.36 6.62
N CYS D 26 25.43 0.37 7.39
CA CYS D 26 26.56 -0.47 7.04
C CYS D 26 26.07 -1.90 7.13
N TYR D 27 25.84 -2.52 5.97
CA TYR D 27 25.25 -3.84 5.85
C TYR D 27 26.37 -4.84 5.61
N VAL D 28 26.52 -5.77 6.52
CA VAL D 28 27.70 -6.66 6.51
C VAL D 28 27.21 -8.08 6.42
N THR D 29 27.67 -8.81 5.41
CA THR D 29 27.11 -10.12 5.10
C THR D 29 28.19 -11.15 4.81
N GLN D 30 27.75 -12.39 4.72
CA GLN D 30 28.56 -13.48 4.21
C GLN D 30 29.82 -13.74 5.04
N PHE D 31 29.74 -13.59 6.37
CA PHE D 31 30.92 -13.81 7.20
C PHE D 31 30.76 -14.99 8.16
N HIS D 32 31.89 -15.54 8.56
CA HIS D 32 31.98 -16.63 9.53
C HIS D 32 33.44 -16.66 10.00
N PRO D 33 33.70 -16.69 11.31
CA PRO D 33 32.83 -16.84 12.46
C PRO D 33 31.94 -15.63 12.72
N PRO D 34 30.98 -15.75 13.63
CA PRO D 34 30.05 -14.65 13.90
C PRO D 34 30.62 -13.44 14.64
N HIS D 35 31.73 -13.60 15.37
CA HIS D 35 32.31 -12.46 16.08
C HIS D 35 32.80 -11.44 15.07
N ILE D 36 32.39 -10.18 15.23
CA ILE D 36 32.79 -9.12 14.29
C ILE D 36 32.78 -7.78 15.01
N GLU D 37 33.61 -6.86 14.55
CA GLU D 37 33.62 -5.50 15.11
C GLU D 37 33.35 -4.53 13.98
N ILE D 38 32.28 -3.75 14.12
CA ILE D 38 31.83 -2.81 13.11
C ILE D 38 31.86 -1.40 13.74
N GLN D 39 32.52 -0.47 13.06
CA GLN D 39 32.58 0.94 13.49
C GLN D 39 32.13 1.79 12.33
N MET D 40 31.48 2.91 12.60
CA MET D 40 31.17 3.89 11.56
C MET D 40 31.94 5.17 11.88
N LEU D 41 32.43 5.83 10.85
CA LEU D 41 33.42 6.90 10.99
C LEU D 41 32.94 8.11 10.23
N LYS D 42 33.06 9.29 10.83
CA LYS D 42 32.80 10.55 10.17
C LYS D 42 34.09 11.35 10.13
N ASN D 43 34.56 11.66 8.92
CA ASN D 43 35.82 12.38 8.73
C ASN D 43 36.99 11.73 9.46
N GLY D 44 36.97 10.40 9.51
CA GLY D 44 38.04 9.64 10.16
C GLY D 44 37.86 9.32 11.63
N LYS D 45 36.88 9.94 12.29
CA LYS D 45 36.66 9.77 13.73
C LYS D 45 35.45 8.88 13.99
N LYS D 46 35.56 8.02 14.99
CA LYS D 46 34.47 7.10 15.32
C LYS D 46 33.19 7.83 15.70
N ILE D 47 32.07 7.34 15.19
CA ILE D 47 30.76 7.89 15.50
C ILE D 47 30.29 7.14 16.76
N PRO D 48 29.90 7.88 17.83
CA PRO D 48 29.56 7.19 19.09
C PRO D 48 28.32 6.29 19.02
N LYS D 49 27.19 6.82 18.54
CA LYS D 49 25.91 6.12 18.69
C LYS D 49 25.61 5.33 17.42
N VAL D 50 26.17 4.11 17.36
CA VAL D 50 25.88 3.20 16.25
C VAL D 50 25.06 2.05 16.80
N GLU D 51 23.90 1.84 16.21
CA GLU D 51 23.03 0.74 16.58
C GLU D 51 23.31 -0.46 15.69
N MET D 52 23.16 -1.64 16.29
CA MET D 52 23.33 -2.90 15.61
C MET D 52 21.99 -3.64 15.59
N SER D 53 21.59 -4.14 14.42
CA SER D 53 20.50 -5.11 14.33
C SER D 53 20.91 -6.41 15.05
N ASP D 54 19.93 -7.25 15.33
CA ASP D 54 20.23 -8.60 15.77
C ASP D 54 20.94 -9.31 14.63
N MET D 55 21.81 -10.26 14.96
CA MET D 55 22.53 -10.99 13.93
C MET D 55 21.63 -12.13 13.47
N SER D 56 21.73 -12.45 12.20
CA SER D 56 21.00 -13.56 11.59
C SER D 56 21.99 -14.37 10.78
N PHE D 57 21.56 -15.54 10.32
CA PHE D 57 22.35 -16.29 9.34
C PHE D 57 21.50 -16.85 8.23
N SER D 58 22.17 -17.12 7.11
CA SER D 58 21.55 -17.61 5.90
C SER D 58 21.65 -19.13 5.75
N LYS D 59 20.97 -19.66 4.74
CA LYS D 59 20.99 -21.10 4.43
C LYS D 59 22.37 -21.69 4.19
N ASP D 60 23.30 -20.86 3.71
CA ASP D 60 24.71 -21.25 3.55
C ASP D 60 25.56 -21.14 4.84
N TRP D 61 24.90 -20.81 5.95
CA TRP D 61 25.47 -20.73 7.30
C TRP D 61 26.12 -19.39 7.63
N SER D 62 26.31 -18.54 6.64
CA SER D 62 27.04 -17.30 6.85
C SER D 62 26.14 -16.28 7.53
N PHE D 63 26.77 -15.40 8.28
CA PHE D 63 26.07 -14.43 9.12
C PHE D 63 25.88 -13.10 8.42
N TYR D 64 24.87 -12.36 8.84
CA TYR D 64 24.68 -11.00 8.39
C TYR D 64 24.09 -10.12 9.47
N ILE D 65 24.38 -8.83 9.35
CA ILE D 65 23.96 -7.84 10.36
C ILE D 65 23.91 -6.46 9.72
N LEU D 66 23.09 -5.58 10.28
CA LEU D 66 22.99 -4.22 9.79
C LEU D 66 23.37 -3.28 10.91
N ALA D 67 24.38 -2.46 10.68
CA ALA D 67 24.74 -1.37 11.61
C ALA D 67 24.15 -0.09 11.06
N HIS D 68 23.69 0.79 11.93
CA HIS D 68 23.16 2.06 11.43
C HIS D 68 23.30 3.19 12.42
N THR D 69 23.30 4.40 11.88
CA THR D 69 23.44 5.62 12.69
C THR D 69 22.73 6.79 12.04
N GLU D 70 22.24 7.71 12.86
CA GLU D 70 21.68 8.94 12.35
C GLU D 70 22.82 9.80 11.80
N PHE D 71 22.54 10.48 10.71
CA PHE D 71 23.50 11.41 10.13
C PHE D 71 22.78 12.41 9.28
N THR D 72 23.41 13.56 9.10
CA THR D 72 22.90 14.63 8.26
C THR D 72 23.98 14.92 7.24
N PRO D 73 23.88 14.33 6.05
CA PRO D 73 24.95 14.52 5.04
C PRO D 73 25.16 15.97 4.62
N THR D 74 26.40 16.31 4.30
CA THR D 74 26.73 17.61 3.72
C THR D 74 27.58 17.37 2.49
N GLU D 75 27.84 18.43 1.74
CA GLU D 75 28.65 18.32 0.53
C GLU D 75 30.05 17.77 0.75
N THR D 76 30.66 18.08 1.89
CA THR D 76 32.08 17.80 2.11
C THR D 76 32.40 16.80 3.23
N ASP D 77 31.43 16.41 4.06
CA ASP D 77 31.73 15.40 5.09
C ASP D 77 31.87 14.00 4.47
N THR D 78 32.79 13.21 5.01
CA THR D 78 33.10 11.87 4.54
C THR D 78 32.66 10.85 5.57
N TYR D 79 32.01 9.78 5.12
CA TYR D 79 31.57 8.72 6.03
C TYR D 79 32.13 7.40 5.55
N ALA D 80 32.35 6.50 6.50
CA ALA D 80 32.91 5.18 6.21
C ALA D 80 32.43 4.17 7.26
N CYS D 81 32.58 2.89 6.91
CA CYS D 81 32.29 1.81 7.83
C CYS D 81 33.55 0.99 7.88
N ARG D 82 33.98 0.63 9.08
CA ARG D 82 35.18 -0.16 9.22
C ARG D 82 34.86 -1.42 9.98
N VAL D 83 35.31 -2.54 9.44
CA VAL D 83 34.95 -3.87 9.91
C VAL D 83 36.24 -4.65 10.22
N LYS D 84 36.32 -5.18 11.44
CA LYS D 84 37.40 -6.04 11.87
C LYS D 84 36.86 -7.46 12.04
N HIS D 85 37.54 -8.43 11.46
CA HIS D 85 37.08 -9.81 11.47
C HIS D 85 38.27 -10.75 11.24
N ASP D 86 38.27 -11.89 11.89
CA ASP D 86 39.43 -12.81 11.86
C ASP D 86 39.81 -13.34 10.48
N SER D 87 38.88 -13.31 9.54
CA SER D 87 39.16 -13.64 8.14
C SER D 87 40.09 -12.66 7.43
N MET D 88 40.29 -11.47 8.00
CA MET D 88 41.10 -10.44 7.40
C MET D 88 42.30 -10.06 8.27
N ALA D 89 43.45 -9.88 7.61
CA ALA D 89 44.69 -9.45 8.26
C ALA D 89 44.54 -8.09 8.94
N GLU D 90 43.92 -7.13 8.24
CA GLU D 90 43.70 -5.77 8.77
C GLU D 90 42.23 -5.40 8.65
N PRO D 91 41.77 -4.39 9.43
CA PRO D 91 40.39 -3.96 9.30
C PRO D 91 40.11 -3.38 7.93
N LYS D 92 38.93 -3.67 7.37
CA LYS D 92 38.52 -3.16 6.07
C LYS D 92 37.66 -1.92 6.25
N THR D 93 38.01 -0.86 5.54
CA THR D 93 37.22 0.39 5.54
C THR D 93 36.57 0.59 4.18
N VAL D 94 35.27 0.89 4.19
CA VAL D 94 34.52 1.13 2.96
C VAL D 94 33.88 2.48 3.14
N TYR D 95 34.09 3.35 2.15
CA TYR D 95 33.60 4.71 2.19
C TYR D 95 32.23 4.81 1.59
N TRP D 96 31.40 5.67 2.19
CA TRP D 96 30.11 5.99 1.62
C TRP D 96 30.26 6.80 0.33
N ASP D 97 29.58 6.33 -0.72
CA ASP D 97 29.49 7.06 -1.99
C ASP D 97 28.03 7.35 -2.13
N ARG D 98 27.67 8.63 -2.13
CA ARG D 98 26.27 9.04 -2.21
C ARG D 98 25.57 8.64 -3.52
N ASP D 99 26.32 8.27 -4.55
CA ASP D 99 25.79 7.78 -5.82
C ASP D 99 25.57 6.25 -5.85
N MET D 100 25.81 5.54 -4.74
CA MET D 100 25.74 4.08 -4.72
C MET D 100 25.05 3.51 -3.50
#